data_3MGF
#
_entry.id   3MGF
#
_cell.length_a   67.520
_cell.length_b   83.760
_cell.length_c   82.180
_cell.angle_alpha   90.00
_cell.angle_beta   110.75
_cell.angle_gamma   90.00
#
_symmetry.space_group_name_H-M   'P 1 21 1'
#
loop_
_entity.id
_entity.type
_entity.pdbx_description
1 polymer 'Fluorescent protein'
2 water water
#
_entity_poly.entity_id   1
_entity_poly.type   'polypeptide(L)'
_entity_poly.pdbx_seq_one_letter_code
;GAHMVSVIKPEMKMRYYMDGSVNGHEFTIEGEGTGRPYEGHQEMTLRVTMAKGGPMPFAFDLVSHV(CFY)HRPFTKYPE
EIPDYFKQAFPEGLSWERSLEFEDGGSASVSAHISLRGNTFYHKSKFTGVNFPADGPIMQNQSVDWEPSTEKITASDGVL
KGDVTMYLKLEGGGNHKCQFKTTYKAAKKILKMPGSHYISHRLVRKTEGNITELVEDAVAHS
;
_entity_poly.pdbx_strand_id   A,B,C,D
#
# COMPACT_ATOMS: atom_id res chain seq x y z
N SER A 6 -31.52 -16.25 5.64
CA SER A 6 -30.89 -15.20 4.72
C SER A 6 -29.62 -14.52 5.26
N VAL A 7 -28.62 -14.40 4.40
CA VAL A 7 -27.31 -13.92 4.87
C VAL A 7 -27.25 -12.41 4.92
N ILE A 8 -28.16 -11.75 4.23
CA ILE A 8 -28.24 -10.31 4.30
C ILE A 8 -29.12 -9.84 5.47
N LYS A 9 -28.48 -9.36 6.53
CA LYS A 9 -29.14 -8.92 7.74
C LYS A 9 -29.58 -7.47 7.70
N PRO A 10 -30.48 -7.07 8.60
CA PRO A 10 -30.94 -5.68 8.57
C PRO A 10 -29.85 -4.61 8.83
N GLU A 11 -28.82 -4.98 9.62
CA GLU A 11 -27.62 -4.19 9.80
C GLU A 11 -26.45 -4.90 9.17
N MET A 12 -25.68 -4.22 8.31
CA MET A 12 -24.43 -4.81 7.84
C MET A 12 -23.29 -3.82 7.83
N LYS A 13 -22.08 -4.37 7.77
CA LYS A 13 -20.86 -3.59 7.70
C LYS A 13 -20.17 -3.64 6.35
N MET A 14 -19.32 -2.65 6.06
CA MET A 14 -18.55 -2.62 4.78
C MET A 14 -17.10 -2.30 5.02
N ARG A 15 -16.25 -2.94 4.22
CA ARG A 15 -14.83 -2.63 4.14
C ARG A 15 -14.50 -2.41 2.69
N TYR A 16 -13.71 -1.38 2.44
CA TYR A 16 -13.39 -1.00 1.06
C TYR A 16 -11.91 -0.90 0.82
N TYR A 17 -11.48 -1.33 -0.38
CA TYR A 17 -10.12 -1.05 -0.86
C TYR A 17 -10.15 -0.80 -2.37
N MET A 18 -9.51 0.27 -2.83
CA MET A 18 -9.44 0.53 -4.28
C MET A 18 -8.00 0.79 -4.68
N ASP A 19 -7.56 0.16 -5.78
CA ASP A 19 -6.31 0.55 -6.49
C ASP A 19 -6.74 1.45 -7.64
N GLY A 20 -6.31 2.69 -7.70
CA GLY A 20 -6.68 3.50 -8.89
C GLY A 20 -5.63 4.42 -9.46
N SER A 21 -5.94 4.94 -10.63
CA SER A 21 -5.14 5.96 -11.17
C SER A 21 -5.98 6.84 -12.04
N VAL A 22 -5.77 8.17 -11.97
CA VAL A 22 -6.49 9.07 -12.88
C VAL A 22 -5.43 10.00 -13.52
N ASN A 23 -5.44 10.11 -14.85
CA ASN A 23 -4.47 10.96 -15.59
C ASN A 23 -3.04 10.67 -15.07
N GLY A 24 -2.74 9.39 -14.88
CA GLY A 24 -1.38 9.03 -14.45
C GLY A 24 -1.12 9.14 -12.95
N HIS A 25 -2.04 9.67 -12.18
CA HIS A 25 -1.77 9.88 -10.70
C HIS A 25 -2.27 8.60 -10.04
N GLU A 26 -1.37 7.85 -9.43
CA GLU A 26 -1.78 6.59 -8.74
C GLU A 26 -2.15 6.87 -7.31
N PHE A 27 -3.13 6.10 -6.81
CA PHE A 27 -3.66 6.31 -5.48
C PHE A 27 -4.32 5.02 -5.00
N THR A 28 -4.56 4.98 -3.69
CA THR A 28 -5.38 3.94 -3.09
C THR A 28 -6.41 4.63 -2.23
N ILE A 29 -7.50 3.92 -1.96
CA ILE A 29 -8.54 4.34 -1.07
C ILE A 29 -8.85 3.16 -0.17
N GLU A 30 -9.01 3.44 1.13
CA GLU A 30 -9.44 2.36 2.03
C GLU A 30 -10.47 2.96 2.93
N GLY A 31 -11.45 2.19 3.38
CA GLY A 31 -12.46 2.76 4.27
C GLY A 31 -13.41 1.71 4.80
N GLU A 32 -14.42 2.17 5.51
CA GLU A 32 -15.41 1.27 6.13
C GLU A 32 -16.70 2.02 6.40
N GLY A 33 -17.81 1.29 6.50
CA GLY A 33 -19.07 1.92 6.77
C GLY A 33 -20.02 0.93 7.40
N THR A 34 -21.27 1.37 7.48
CA THR A 34 -22.39 0.57 7.99
C THR A 34 -23.57 0.85 7.13
N GLY A 35 -24.53 -0.07 7.07
CA GLY A 35 -25.67 0.22 6.22
C GLY A 35 -26.83 -0.66 6.55
N ARG A 36 -27.98 -0.36 5.96
CA ARG A 36 -29.21 -1.12 6.21
C ARG A 36 -29.68 -1.57 4.82
N PRO A 37 -29.31 -2.78 4.39
CA PRO A 37 -29.59 -3.21 3.01
C PRO A 37 -31.06 -3.10 2.62
N TYR A 38 -32.02 -3.44 3.52
CA TYR A 38 -33.40 -3.40 3.14
C TYR A 38 -33.99 -2.01 3.15
N GLU A 39 -33.24 -1.03 3.66
CA GLU A 39 -33.70 0.35 3.66
C GLU A 39 -33.01 1.05 2.48
N GLY A 40 -32.10 0.34 1.83
CA GLY A 40 -31.23 0.91 0.74
C GLY A 40 -30.30 2.05 1.20
N HIS A 41 -29.81 1.98 2.43
CA HIS A 41 -28.96 3.05 2.97
C HIS A 41 -27.57 2.60 3.36
N GLN A 42 -26.53 3.39 2.99
CA GLN A 42 -25.15 3.12 3.39
C GLN A 42 -24.55 4.42 3.85
N GLU A 43 -23.62 4.37 4.81
CA GLU A 43 -22.84 5.55 5.10
C GLU A 43 -21.47 5.04 5.46
N MET A 44 -20.45 5.78 5.08
CA MET A 44 -19.07 5.24 5.21
C MET A 44 -18.10 6.35 5.25
N THR A 45 -16.84 6.05 5.66
CA THR A 45 -15.76 7.01 5.65
C THR A 45 -14.68 6.42 4.73
N LEU A 46 -14.08 7.25 3.87
CA LEU A 46 -13.13 6.78 2.88
C LEU A 46 -11.93 7.71 2.90
N ARG A 47 -10.74 7.13 2.85
CA ARG A 47 -9.47 7.85 2.96
C ARG A 47 -8.62 7.61 1.75
N VAL A 48 -8.23 8.69 1.09
CA VAL A 48 -7.40 8.60 -0.10
C VAL A 48 -5.95 8.79 0.28
N THR A 49 -5.10 7.93 -0.26
CA THR A 49 -3.69 8.14 -0.24
C THR A 49 -3.09 8.14 -1.65
N MET A 50 -2.48 9.28 -2.00
CA MET A 50 -1.75 9.42 -3.28
C MET A 50 -0.42 8.71 -3.21
N ALA A 51 -0.04 8.03 -4.28
CA ALA A 51 1.23 7.28 -4.21
C ALA A 51 2.42 8.27 -4.00
N LYS A 52 2.32 9.48 -4.59
CA LYS A 52 3.34 10.53 -4.38
C LYS A 52 3.10 11.44 -3.15
N GLY A 53 2.12 11.09 -2.33
CA GLY A 53 1.60 11.89 -1.21
C GLY A 53 0.88 13.19 -1.58
N GLY A 54 0.37 13.87 -0.55
CA GLY A 54 -0.24 15.19 -0.73
C GLY A 54 -1.71 15.02 -1.04
N PRO A 55 -2.40 16.17 -1.22
CA PRO A 55 -3.85 16.25 -1.44
C PRO A 55 -4.18 15.62 -2.79
N MET A 56 -5.32 14.94 -2.89
CA MET A 56 -5.71 14.28 -4.13
C MET A 56 -5.95 15.38 -5.15
N PRO A 57 -5.42 15.21 -6.39
CA PRO A 57 -5.43 16.21 -7.45
C PRO A 57 -6.65 16.05 -8.37
N PHE A 58 -7.75 15.59 -7.77
CA PHE A 58 -9.03 15.46 -8.50
C PHE A 58 -10.23 15.48 -7.57
N ALA A 59 -11.40 15.75 -8.13
CA ALA A 59 -12.63 15.70 -7.38
C ALA A 59 -13.00 14.27 -6.94
N PHE A 60 -13.38 14.12 -5.67
CA PHE A 60 -13.79 12.80 -5.20
C PHE A 60 -14.99 12.23 -5.95
N ASP A 61 -15.82 13.08 -6.58
CA ASP A 61 -17.00 12.56 -7.32
C ASP A 61 -16.53 11.55 -8.36
N LEU A 62 -15.31 11.71 -8.86
CA LEU A 62 -14.80 10.76 -9.86
C LEU A 62 -14.88 9.32 -9.44
N VAL A 63 -14.67 9.03 -8.14
CA VAL A 63 -14.72 7.63 -7.63
C VAL A 63 -15.85 7.41 -6.65
N SER A 64 -16.65 8.43 -6.28
CA SER A 64 -17.64 8.17 -5.22
C SER A 64 -18.70 7.12 -5.50
N HIS A 65 -19.09 7.05 -6.77
CA HIS A 65 -20.04 6.06 -7.24
C HIS A 65 -19.53 4.63 -7.21
N VAL A 66 -18.26 4.43 -6.80
CA VAL A 66 -17.71 3.10 -6.83
C VAL A 66 -18.10 2.45 -5.47
N0 CFY A 67 -18.53 3.29 -4.32
CA0 CFY A 67 -18.66 2.78 -2.93
C0 CFY A 67 -20.14 2.77 -2.47
O0 CFY A 67 -20.24 1.81 -1.43
CB0 CFY A 67 -17.70 3.54 -2.01
CG1 CFY A 67 -16.28 3.62 -2.51
CD1 CFY A 67 -15.82 4.85 -2.98
CE1 CFY A 67 -14.55 5.01 -3.46
CZ1 CFY A 67 -13.65 3.89 -3.46
CE2 CFY A 67 -14.09 2.66 -2.98
CD2 CFY A 67 -15.40 2.49 -2.46
N1 CFY A 67 -20.94 2.24 -3.61
CA1 CFY A 67 -21.65 3.14 -4.29
C1 CFY A 67 -22.29 2.85 -5.52
CB1 CFY A 67 -21.79 4.52 -3.71
SG CFY A 67 -20.82 4.44 -2.16
N2 CFY A 67 -23.07 3.76 -6.10
CA2 CFY A 67 -23.47 3.27 -7.32
C2 CFY A 67 -22.82 2.01 -7.43
O2 CFY A 67 -22.94 1.11 -8.28
CB2 CFY A 67 -24.27 3.84 -8.31
CG2 CFY A 67 -24.81 5.14 -8.40
CD3 CFY A 67 -24.68 6.14 -7.41
CD4 CFY A 67 -25.58 5.36 -9.53
CE3 CFY A 67 -25.39 7.36 -7.54
CE4 CFY A 67 -26.27 6.58 -9.70
CZ2 CFY A 67 -26.20 7.55 -8.74
OH CFY A 67 -26.84 8.62 -8.90
N3 CFY A 67 -22.17 1.75 -6.26
CA3 CFY A 67 -21.31 0.64 -6.17
C3 CFY A 67 -21.37 -0.41 -5.22
O3 CFY A 67 -20.63 -1.39 -5.17
N HIS A 68 -22.62 -0.43 -4.56
CA HIS A 68 -22.84 -1.47 -3.50
C HIS A 68 -24.34 -1.74 -3.53
N ARG A 69 -24.76 -2.40 -4.61
CA ARG A 69 -26.19 -2.61 -4.85
C ARG A 69 -27.00 -3.48 -3.85
N PRO A 70 -26.35 -4.37 -3.04
CA PRO A 70 -27.15 -4.93 -1.96
C PRO A 70 -27.83 -3.91 -1.12
N PHE A 71 -27.30 -2.70 -1.09
CA PHE A 71 -27.92 -1.64 -0.37
C PHE A 71 -28.87 -0.88 -1.30
N THR A 72 -29.98 -1.54 -1.68
CA THR A 72 -31.05 -0.92 -2.46
C THR A 72 -32.33 -1.43 -1.84
N LYS A 73 -33.25 -0.53 -1.57
CA LYS A 73 -34.57 -1.04 -1.09
C LYS A 73 -35.37 -1.60 -2.27
N TYR A 74 -35.62 -2.90 -2.26
CA TYR A 74 -36.40 -3.51 -3.36
C TYR A 74 -37.83 -3.80 -2.90
N PRO A 75 -38.82 -3.34 -3.66
CA PRO A 75 -40.18 -3.80 -3.35
C PRO A 75 -40.33 -5.31 -3.51
N GLU A 76 -41.26 -5.94 -2.75
CA GLU A 76 -41.41 -7.40 -2.79
C GLU A 76 -41.66 -7.93 -4.19
N GLU A 77 -42.31 -7.13 -5.00
CA GLU A 77 -42.76 -7.55 -6.31
C GLU A 77 -41.69 -7.50 -7.40
N ILE A 78 -40.51 -6.96 -7.04
CA ILE A 78 -39.35 -6.95 -7.97
C ILE A 78 -38.25 -7.82 -7.39
N PRO A 79 -37.86 -8.88 -8.10
CA PRO A 79 -36.81 -9.76 -7.64
C PRO A 79 -35.52 -8.97 -7.41
N ASP A 80 -34.84 -9.26 -6.31
CA ASP A 80 -33.68 -8.47 -5.92
C ASP A 80 -32.43 -9.26 -6.27
N TYR A 81 -31.86 -9.00 -7.45
CA TYR A 81 -30.68 -9.73 -7.93
C TYR A 81 -29.48 -9.61 -7.01
N PHE A 82 -29.31 -8.42 -6.43
CA PHE A 82 -28.09 -8.10 -5.71
C PHE A 82 -28.09 -8.79 -4.33
N LYS A 83 -29.23 -8.82 -3.62
CA LYS A 83 -29.23 -9.58 -2.37
C LYS A 83 -29.21 -11.12 -2.66
N GLN A 84 -29.87 -11.58 -3.73
CA GLN A 84 -29.79 -12.99 -4.15
C GLN A 84 -28.37 -13.45 -4.49
N ALA A 85 -27.50 -12.53 -4.87
CA ALA A 85 -26.13 -12.87 -5.20
C ALA A 85 -25.30 -13.27 -3.98
N PHE A 86 -25.87 -13.16 -2.78
CA PHE A 86 -25.12 -13.52 -1.60
C PHE A 86 -25.68 -14.80 -1.02
N PRO A 87 -24.83 -15.58 -0.35
CA PRO A 87 -23.44 -15.36 0.11
C PRO A 87 -22.32 -15.44 -0.94
N GLU A 88 -22.62 -15.89 -2.17
CA GLU A 88 -21.56 -16.28 -3.12
C GLU A 88 -20.73 -15.14 -3.71
N GLY A 89 -21.39 -14.02 -3.99
CA GLY A 89 -20.65 -12.83 -4.38
C GLY A 89 -21.24 -12.10 -5.56
N LEU A 90 -20.74 -10.89 -5.78
CA LEU A 90 -21.33 -10.01 -6.81
C LEU A 90 -20.19 -9.18 -7.35
N SER A 91 -20.09 -9.02 -8.67
CA SER A 91 -19.04 -8.18 -9.24
C SER A 91 -19.75 -7.20 -10.19
N TRP A 92 -19.09 -6.12 -10.51
CA TRP A 92 -19.68 -5.22 -11.51
C TRP A 92 -18.57 -4.48 -12.24
N GLU A 93 -18.92 -3.91 -13.41
CA GLU A 93 -17.97 -3.22 -14.28
C GLU A 93 -18.69 -1.98 -14.78
N ARG A 94 -17.97 -0.90 -14.94
CA ARG A 94 -18.59 0.38 -15.33
C ARG A 94 -17.66 1.20 -16.20
N SER A 95 -18.27 1.77 -17.25
CA SER A 95 -17.65 2.82 -18.08
C SER A 95 -18.27 4.16 -17.77
N LEU A 96 -17.40 5.17 -17.74
CA LEU A 96 -17.78 6.56 -17.51
C LEU A 96 -17.32 7.31 -18.71
N GLU A 97 -18.21 8.14 -19.26
CA GLU A 97 -17.83 9.03 -20.36
C GLU A 97 -18.29 10.46 -20.00
N PHE A 98 -17.36 11.36 -19.81
CA PHE A 98 -17.66 12.70 -19.40
C PHE A 98 -17.78 13.61 -20.61
N GLU A 99 -18.51 14.68 -20.42
CA GLU A 99 -18.83 15.49 -21.62
C GLU A 99 -17.59 16.22 -22.17
N ASP A 100 -16.54 16.42 -21.36
CA ASP A 100 -15.30 17.01 -21.88
C ASP A 100 -14.24 16.00 -22.39
N GLY A 101 -14.60 14.72 -22.57
CA GLY A 101 -13.68 13.79 -23.20
C GLY A 101 -12.96 12.97 -22.15
N GLY A 102 -13.06 13.35 -20.86
CA GLY A 102 -12.48 12.50 -19.80
C GLY A 102 -13.29 11.20 -19.75
N SER A 103 -12.64 10.11 -19.38
CA SER A 103 -13.37 8.83 -19.29
C SER A 103 -12.68 7.92 -18.28
N ALA A 104 -13.36 6.85 -17.88
CA ALA A 104 -12.78 5.98 -16.87
C ALA A 104 -13.43 4.63 -16.97
N SER A 105 -12.73 3.59 -16.41
CA SER A 105 -13.25 2.21 -16.40
C SER A 105 -12.96 1.74 -15.02
N VAL A 106 -13.95 1.08 -14.40
CA VAL A 106 -13.75 0.53 -13.10
C VAL A 106 -14.42 -0.77 -12.98
N SER A 107 -13.80 -1.67 -12.19
CA SER A 107 -14.55 -2.88 -11.87
C SER A 107 -14.36 -3.20 -10.39
N ALA A 108 -15.33 -3.91 -9.81
CA ALA A 108 -15.25 -4.23 -8.36
C ALA A 108 -15.71 -5.68 -8.08
N HIS A 109 -15.22 -6.28 -6.98
CA HIS A 109 -15.72 -7.59 -6.56
C HIS A 109 -16.16 -7.37 -5.14
N ILE A 110 -17.31 -7.90 -4.79
CA ILE A 110 -17.83 -7.76 -3.45
C ILE A 110 -17.99 -9.18 -2.92
N SER A 111 -17.37 -9.45 -1.79
CA SER A 111 -17.56 -10.73 -1.07
C SER A 111 -18.17 -10.47 0.29
N LEU A 112 -18.54 -11.52 1.00
CA LEU A 112 -19.19 -11.37 2.30
C LEU A 112 -18.54 -12.40 3.24
N ARG A 113 -18.11 -11.91 4.39
CA ARG A 113 -17.74 -12.82 5.54
C ARG A 113 -18.36 -12.25 6.82
N GLY A 114 -19.08 -13.11 7.55
CA GLY A 114 -19.84 -12.67 8.73
C GLY A 114 -20.87 -11.64 8.30
N ASN A 115 -20.99 -10.51 9.03
CA ASN A 115 -21.92 -9.44 8.59
C ASN A 115 -21.16 -8.32 7.88
N THR A 116 -20.02 -8.64 7.30
CA THR A 116 -19.17 -7.60 6.66
C THR A 116 -18.94 -7.84 5.16
N PHE A 117 -19.28 -6.84 4.33
CA PHE A 117 -18.97 -6.92 2.88
C PHE A 117 -17.55 -6.38 2.65
N TYR A 118 -16.78 -7.12 1.85
CA TYR A 118 -15.43 -6.70 1.44
C TYR A 118 -15.50 -6.30 -0.03
N HIS A 119 -15.16 -5.05 -0.31
CA HIS A 119 -15.44 -4.46 -1.63
C HIS A 119 -14.09 -4.02 -2.15
N LYS A 120 -13.65 -4.64 -3.24
CA LYS A 120 -12.30 -4.46 -3.78
C LYS A 120 -12.42 -3.98 -5.24
N SER A 121 -11.75 -2.88 -5.59
CA SER A 121 -11.98 -2.25 -6.93
C SER A 121 -10.69 -1.82 -7.55
N LYS A 122 -10.73 -1.65 -8.88
CA LYS A 122 -9.63 -1.17 -9.70
C LYS A 122 -10.19 -0.12 -10.60
N PHE A 123 -9.56 1.06 -10.58
CA PHE A 123 -10.12 2.23 -11.28
C PHE A 123 -9.00 2.80 -12.15
N THR A 124 -9.31 3.01 -13.44
CA THR A 124 -8.39 3.78 -14.34
C THR A 124 -9.08 4.90 -15.07
N GLY A 125 -8.60 6.17 -14.90
CA GLY A 125 -9.26 7.38 -15.50
C GLY A 125 -8.24 8.01 -16.42
N VAL A 126 -8.71 8.43 -17.59
CA VAL A 126 -7.80 8.94 -18.64
C VAL A 126 -8.40 10.17 -19.32
N ASN A 127 -7.53 10.95 -19.95
CA ASN A 127 -7.90 12.03 -20.86
C ASN A 127 -8.74 13.15 -20.20
N PHE A 128 -8.58 13.38 -18.89
CA PHE A 128 -9.30 14.47 -18.28
C PHE A 128 -8.54 15.74 -18.61
N PRO A 129 -9.26 16.81 -19.01
CA PRO A 129 -8.57 18.09 -19.27
C PRO A 129 -7.92 18.60 -18.01
N ALA A 130 -6.70 19.09 -18.12
CA ALA A 130 -6.04 19.57 -16.87
C ALA A 130 -6.80 20.72 -16.17
N ASP A 131 -7.51 21.51 -16.96
CA ASP A 131 -8.25 22.66 -16.37
C ASP A 131 -9.72 22.39 -16.22
N GLY A 132 -10.13 21.15 -16.38
CA GLY A 132 -11.56 20.82 -16.22
C GLY A 132 -11.95 20.59 -14.77
N PRO A 133 -13.26 20.42 -14.55
CA PRO A 133 -13.77 20.39 -13.22
C PRO A 133 -13.35 19.19 -12.41
N ILE A 134 -13.13 18.03 -13.03
CA ILE A 134 -12.64 16.92 -12.24
C ILE A 134 -11.19 17.16 -11.77
N MET A 135 -10.29 17.47 -12.69
CA MET A 135 -8.87 17.66 -12.23
C MET A 135 -8.69 18.91 -11.35
N GLN A 136 -9.57 19.91 -11.48
CA GLN A 136 -9.39 21.13 -10.71
C GLN A 136 -10.23 21.06 -9.42
N ASN A 137 -10.83 19.91 -9.13
CA ASN A 137 -11.62 19.69 -7.90
C ASN A 137 -12.74 20.70 -7.79
N GLN A 138 -13.47 20.86 -8.88
CA GLN A 138 -14.49 21.93 -8.89
C GLN A 138 -15.93 21.35 -8.79
N SER A 139 -16.11 20.03 -8.94
CA SER A 139 -17.43 19.46 -8.68
C SER A 139 -17.61 19.20 -7.19
N VAL A 140 -18.86 19.15 -6.73
CA VAL A 140 -19.13 19.02 -5.30
C VAL A 140 -19.97 17.82 -4.92
N ASP A 141 -20.66 17.22 -5.89
CA ASP A 141 -21.50 16.07 -5.61
C ASP A 141 -22.02 15.61 -7.00
N TRP A 142 -22.63 14.45 -7.04
CA TRP A 142 -23.49 14.06 -8.16
C TRP A 142 -24.94 14.51 -7.88
N GLU A 143 -25.70 14.84 -8.94
CA GLU A 143 -27.13 15.06 -8.77
C GLU A 143 -27.74 13.68 -8.44
N PRO A 144 -28.88 13.67 -7.72
CA PRO A 144 -29.66 12.41 -7.68
C PRO A 144 -30.06 11.95 -9.06
N SER A 145 -30.22 10.64 -9.25
CA SER A 145 -30.46 10.14 -10.59
C SER A 145 -31.41 8.96 -10.55
N THR A 146 -31.89 8.54 -11.73
CA THR A 146 -32.67 7.29 -11.85
C THR A 146 -32.03 6.45 -12.92
N GLU A 147 -31.59 5.27 -12.53
CA GLU A 147 -30.87 4.36 -13.42
C GLU A 147 -31.79 3.31 -13.93
N LYS A 148 -31.70 3.02 -15.22
CA LYS A 148 -32.55 1.99 -15.77
C LYS A 148 -31.81 0.64 -15.78
N ILE A 149 -32.48 -0.39 -15.23
CA ILE A 149 -31.86 -1.66 -15.03
C ILE A 149 -32.56 -2.64 -15.98
N THR A 150 -31.76 -3.38 -16.77
CA THR A 150 -32.33 -4.34 -17.74
C THR A 150 -31.58 -5.69 -17.54
N ALA A 151 -32.21 -6.77 -18.00
CA ALA A 151 -31.67 -8.10 -17.70
C ALA A 151 -31.35 -8.77 -19.01
N SER A 152 -30.22 -9.46 -19.07
CA SER A 152 -30.11 -10.43 -20.20
C SER A 152 -29.10 -11.51 -19.87
N ASP A 153 -29.50 -12.76 -20.14
CA ASP A 153 -28.63 -13.94 -19.90
C ASP A 153 -28.07 -14.02 -18.49
N GLY A 154 -28.89 -13.78 -17.47
CA GLY A 154 -28.42 -13.94 -16.09
C GLY A 154 -27.59 -12.81 -15.52
N VAL A 155 -27.30 -11.77 -16.32
CA VAL A 155 -26.62 -10.56 -15.82
C VAL A 155 -27.54 -9.35 -15.99
N LEU A 156 -27.31 -8.32 -15.17
CA LEU A 156 -28.00 -7.05 -15.31
C LEU A 156 -27.14 -5.96 -15.95
N LYS A 157 -27.82 -5.00 -16.56
CA LYS A 157 -27.11 -3.88 -17.14
C LYS A 157 -27.77 -2.64 -16.59
N GLY A 158 -26.99 -1.62 -16.26
CA GLY A 158 -27.64 -0.36 -15.83
C GLY A 158 -27.11 0.82 -16.69
N ASP A 159 -27.99 1.75 -17.00
CA ASP A 159 -27.68 2.91 -17.88
C ASP A 159 -28.24 4.11 -17.15
N VAL A 160 -27.37 5.09 -16.92
CA VAL A 160 -27.79 6.28 -16.17
C VAL A 160 -27.00 7.47 -16.65
N THR A 161 -27.71 8.54 -17.00
CA THR A 161 -27.07 9.79 -17.40
C THR A 161 -26.85 10.62 -16.13
N MET A 162 -25.60 10.80 -15.71
CA MET A 162 -25.30 11.43 -14.43
C MET A 162 -24.88 12.88 -14.66
N TYR A 163 -25.03 13.70 -13.63
CA TYR A 163 -24.54 15.12 -13.74
C TYR A 163 -23.78 15.46 -12.49
N LEU A 164 -22.58 16.01 -12.65
CA LEU A 164 -21.85 16.61 -11.52
C LEU A 164 -22.45 17.95 -11.22
N LYS A 165 -22.58 18.28 -9.95
CA LYS A 165 -22.96 19.62 -9.53
C LYS A 165 -21.64 20.40 -9.41
N LEU A 166 -21.54 21.51 -10.11
CA LEU A 166 -20.30 22.33 -10.08
C LEU A 166 -20.31 23.46 -9.01
N GLU A 167 -19.15 23.76 -8.43
CA GLU A 167 -19.01 24.94 -7.52
C GLU A 167 -19.50 26.13 -8.31
N GLY A 168 -20.32 26.95 -7.70
CA GLY A 168 -20.87 28.08 -8.48
C GLY A 168 -21.81 27.78 -9.66
N GLY A 169 -22.34 26.57 -9.70
CA GLY A 169 -23.68 26.34 -10.23
C GLY A 169 -23.95 25.57 -11.50
N GLY A 170 -22.98 25.44 -12.37
CA GLY A 170 -23.28 24.58 -13.52
C GLY A 170 -23.54 23.08 -13.23
N ASN A 171 -23.76 22.39 -14.36
CA ASN A 171 -23.88 20.94 -14.51
C ASN A 171 -22.76 20.41 -15.38
N HIS A 172 -22.36 19.12 -15.24
CA HIS A 172 -21.35 18.55 -16.19
C HIS A 172 -21.75 17.08 -16.38
N LYS A 173 -22.05 16.68 -17.62
CA LYS A 173 -22.68 15.37 -17.84
C LYS A 173 -21.71 14.21 -17.88
N CYS A 174 -22.12 13.06 -17.35
CA CYS A 174 -21.31 11.84 -17.47
C CYS A 174 -22.23 10.68 -17.76
N GLN A 175 -22.01 9.92 -18.85
CA GLN A 175 -22.85 8.71 -19.06
C GLN A 175 -22.21 7.51 -18.35
N PHE A 176 -22.98 6.79 -17.55
CA PHE A 176 -22.53 5.50 -16.93
C PHE A 176 -23.15 4.33 -17.64
N LYS A 177 -22.33 3.34 -17.96
CA LYS A 177 -22.88 2.06 -18.42
C LYS A 177 -22.31 0.98 -17.54
N THR A 178 -23.16 0.21 -16.84
CA THR A 178 -22.64 -0.78 -15.84
C THR A 178 -23.17 -2.18 -16.18
N THR A 179 -22.33 -3.19 -15.94
CA THR A 179 -22.75 -4.62 -16.01
C THR A 179 -22.62 -5.21 -14.62
N TYR A 180 -23.70 -5.83 -14.13
CA TYR A 180 -23.68 -6.42 -12.75
C TYR A 180 -23.76 -7.93 -12.88
N LYS A 181 -22.85 -8.65 -12.21
CA LYS A 181 -22.68 -10.10 -12.40
C LYS A 181 -22.64 -10.84 -11.11
N ALA A 182 -23.69 -11.60 -10.84
CA ALA A 182 -23.66 -12.47 -9.66
C ALA A 182 -22.61 -13.58 -9.85
N ALA A 183 -21.99 -14.01 -8.76
CA ALA A 183 -20.98 -15.07 -8.82
C ALA A 183 -21.56 -16.42 -9.17
N LYS A 184 -22.80 -16.64 -8.73
CA LYS A 184 -23.49 -17.91 -8.96
C LYS A 184 -24.78 -17.57 -9.66
N LYS A 185 -25.26 -18.48 -10.50
CA LYS A 185 -26.49 -18.24 -11.23
C LYS A 185 -27.69 -17.90 -10.31
N ILE A 186 -28.41 -16.84 -10.71
CA ILE A 186 -29.56 -16.28 -9.94
C ILE A 186 -30.89 -16.94 -10.25
N LEU A 187 -31.57 -17.37 -9.21
CA LEU A 187 -32.78 -18.18 -9.43
C LEU A 187 -33.99 -17.38 -9.87
N LYS A 188 -34.11 -16.15 -9.42
CA LYS A 188 -35.26 -15.38 -9.83
C LYS A 188 -34.80 -14.06 -10.43
N MET A 189 -34.82 -13.98 -11.76
CA MET A 189 -34.31 -12.77 -12.43
C MET A 189 -35.40 -11.73 -12.45
N PRO A 190 -35.05 -10.44 -12.18
CA PRO A 190 -36.02 -9.37 -12.40
C PRO A 190 -36.20 -9.08 -13.90
N GLY A 191 -37.31 -8.45 -14.24
CA GLY A 191 -37.45 -7.82 -15.54
C GLY A 191 -36.95 -6.38 -15.44
N SER A 192 -37.15 -5.59 -16.49
CA SER A 192 -36.66 -4.21 -16.58
C SER A 192 -37.27 -3.35 -15.42
N HIS A 193 -36.45 -2.48 -14.83
CA HIS A 193 -36.93 -1.62 -13.74
C HIS A 193 -35.92 -0.47 -13.53
N TYR A 194 -36.08 0.29 -12.45
CA TYR A 194 -35.28 1.52 -12.24
C TYR A 194 -34.77 1.47 -10.85
N ILE A 195 -33.66 2.16 -10.59
CA ILE A 195 -33.21 2.40 -9.23
C ILE A 195 -33.01 3.94 -9.12
N SER A 196 -33.71 4.56 -8.15
CA SER A 196 -33.54 6.01 -7.81
C SER A 196 -32.39 6.10 -6.78
N HIS A 197 -31.37 6.91 -7.05
CA HIS A 197 -30.21 7.10 -6.14
C HIS A 197 -30.10 8.55 -5.63
N ARG A 198 -29.57 8.67 -4.44
CA ARG A 198 -29.09 9.97 -3.96
C ARG A 198 -27.85 9.72 -3.22
N LEU A 199 -26.71 10.05 -3.87
CA LEU A 199 -25.37 9.86 -3.32
C LEU A 199 -24.86 11.24 -2.93
N VAL A 200 -24.41 11.42 -1.68
CA VAL A 200 -24.05 12.78 -1.14
C VAL A 200 -22.74 12.66 -0.37
N ARG A 201 -21.78 13.54 -0.64
CA ARG A 201 -20.50 13.43 0.05
C ARG A 201 -20.22 14.68 0.86
N LYS A 202 -19.37 14.53 1.87
CA LYS A 202 -18.85 15.67 2.64
C LYS A 202 -17.38 15.36 2.80
N THR A 203 -16.54 16.20 2.20
CA THR A 203 -15.11 15.87 2.09
C THR A 203 -14.29 16.89 2.85
N GLU A 204 -13.26 16.39 3.52
CA GLU A 204 -12.20 17.17 4.17
C GLU A 204 -10.86 16.65 3.68
N GLY A 205 -10.41 17.28 2.61
CA GLY A 205 -9.08 16.98 2.06
C GLY A 205 -9.17 15.60 1.47
N ASN A 206 -8.38 14.69 2.02
CA ASN A 206 -8.36 13.32 1.53
C ASN A 206 -9.28 12.36 2.27
N ILE A 207 -10.15 12.88 3.16
CA ILE A 207 -11.11 12.03 3.86
C ILE A 207 -12.52 12.44 3.48
N THR A 208 -13.32 11.45 3.07
CA THR A 208 -14.69 11.73 2.59
C THR A 208 -15.67 10.83 3.31
N GLU A 209 -16.75 11.44 3.74
CA GLU A 209 -17.91 10.73 4.23
C GLU A 209 -18.93 10.71 3.12
N LEU A 210 -19.49 9.53 2.89
CA LEU A 210 -20.40 9.35 1.76
C LEU A 210 -21.65 8.75 2.32
N VAL A 211 -22.82 9.16 1.83
CA VAL A 211 -24.09 8.48 2.18
C VAL A 211 -24.79 8.21 0.89
N GLU A 212 -25.37 7.00 0.74
CA GLU A 212 -26.14 6.72 -0.49
C GLU A 212 -27.51 6.23 -0.04
N ASP A 213 -28.58 6.66 -0.71
CA ASP A 213 -29.91 6.08 -0.50
C ASP A 213 -30.36 5.63 -1.86
N ALA A 214 -30.79 4.36 -1.99
CA ALA A 214 -31.19 3.84 -3.31
C ALA A 214 -32.48 3.02 -3.17
N VAL A 215 -33.45 3.23 -4.07
CA VAL A 215 -34.69 2.50 -3.98
C VAL A 215 -35.07 2.07 -5.36
N ALA A 216 -35.37 0.77 -5.50
CA ALA A 216 -35.89 0.25 -6.79
C ALA A 216 -37.36 0.48 -7.02
N HIS A 217 -37.74 0.59 -8.29
CA HIS A 217 -39.18 0.75 -8.59
C HIS A 217 -39.39 0.34 -10.01
N SER A 218 -40.63 0.04 -10.38
CA SER A 218 -40.83 -0.42 -11.72
C SER A 218 -41.42 0.75 -12.53
N SER B 6 19.22 11.92 -28.12
CA SER B 6 20.70 11.96 -27.81
C SER B 6 21.01 11.13 -26.57
N VAL B 7 20.16 11.20 -25.54
CA VAL B 7 20.24 10.16 -24.52
C VAL B 7 19.60 8.87 -25.05
N ILE B 8 19.06 8.93 -26.26
CA ILE B 8 18.40 7.79 -26.89
C ILE B 8 19.30 7.39 -28.05
N LYS B 9 19.87 6.19 -27.93
CA LYS B 9 20.86 5.70 -28.91
C LYS B 9 20.16 4.92 -30.01
N PRO B 10 20.85 4.63 -31.13
CA PRO B 10 20.26 3.89 -32.24
C PRO B 10 19.76 2.47 -31.84
N GLU B 11 20.34 1.87 -30.80
CA GLU B 11 19.92 0.51 -30.32
C GLU B 11 19.56 0.61 -28.85
N MET B 12 18.30 0.27 -28.52
CA MET B 12 17.82 0.40 -27.16
C MET B 12 17.13 -0.86 -26.70
N LYS B 13 16.89 -0.96 -25.39
CA LYS B 13 16.24 -2.11 -24.78
C LYS B 13 15.02 -1.59 -24.07
N MET B 14 14.11 -2.51 -23.86
CA MET B 14 12.82 -2.21 -23.15
C MET B 14 12.57 -3.25 -22.04
N ARG B 15 11.97 -2.80 -20.92
CA ARG B 15 11.38 -3.71 -19.93
C ARG B 15 9.94 -3.22 -19.65
N TYR B 16 8.99 -4.16 -19.51
CA TYR B 16 7.59 -3.83 -19.37
C TYR B 16 7.00 -4.47 -18.14
N TYR B 17 6.11 -3.74 -17.48
CA TYR B 17 5.29 -4.31 -16.45
C TYR B 17 3.90 -3.66 -16.52
N MET B 18 2.87 -4.50 -16.55
CA MET B 18 1.49 -4.04 -16.56
C MET B 18 0.71 -4.65 -15.42
N ASP B 19 -0.05 -3.85 -14.70
CA ASP B 19 -1.10 -4.37 -13.82
C ASP B 19 -2.43 -4.17 -14.53
N GLY B 20 -3.23 -5.21 -14.63
CA GLY B 20 -4.42 -5.13 -15.48
C GLY B 20 -5.59 -5.90 -14.95
N SER B 21 -6.77 -5.55 -15.47
CA SER B 21 -7.99 -6.33 -15.22
C SER B 21 -8.87 -6.15 -16.47
N VAL B 22 -9.52 -7.20 -16.88
CA VAL B 22 -10.55 -7.08 -17.94
C VAL B 22 -11.76 -7.89 -17.53
N ASN B 23 -12.98 -7.28 -17.55
CA ASN B 23 -14.16 -8.02 -17.09
C ASN B 23 -13.92 -8.66 -15.69
N GLY B 24 -13.24 -7.96 -14.80
CA GLY B 24 -13.06 -8.51 -13.48
C GLY B 24 -11.91 -9.53 -13.33
N HIS B 25 -11.32 -9.95 -14.46
CA HIS B 25 -10.19 -10.91 -14.42
C HIS B 25 -8.89 -10.20 -14.27
N GLU B 26 -8.23 -10.35 -13.11
CA GLU B 26 -7.05 -9.58 -12.79
C GLU B 26 -5.85 -10.33 -13.36
N PHE B 27 -4.87 -9.60 -13.89
CA PHE B 27 -3.63 -10.23 -14.39
C PHE B 27 -2.46 -9.27 -14.34
N THR B 28 -1.25 -9.79 -14.56
CA THR B 28 -0.12 -8.91 -14.80
C THR B 28 0.61 -9.40 -16.08
N ILE B 29 1.34 -8.50 -16.71
CA ILE B 29 2.19 -8.88 -17.81
C ILE B 29 3.59 -8.37 -17.58
N GLU B 30 4.59 -9.16 -17.95
CA GLU B 30 6.01 -8.79 -17.78
C GLU B 30 6.70 -9.14 -19.07
N GLY B 31 7.60 -8.29 -19.52
CA GLY B 31 8.42 -8.68 -20.69
C GLY B 31 9.64 -7.84 -20.94
N GLU B 32 10.26 -8.07 -22.09
CA GLU B 32 11.54 -7.39 -22.46
C GLU B 32 11.53 -7.32 -23.95
N GLY B 33 12.26 -6.35 -24.50
CA GLY B 33 12.43 -6.25 -25.91
C GLY B 33 13.67 -5.47 -26.28
N THR B 34 13.83 -5.22 -27.59
CA THR B 34 14.89 -4.37 -28.09
C THR B 34 14.33 -3.63 -29.25
N GLY B 35 14.97 -2.54 -29.64
CA GLY B 35 14.45 -1.80 -30.76
C GLY B 35 15.44 -0.77 -31.29
N ARG B 36 15.07 -0.17 -32.40
CA ARG B 36 15.86 0.87 -33.05
C ARG B 36 14.92 2.10 -33.19
N PRO B 37 14.98 3.01 -32.21
CA PRO B 37 13.98 4.11 -32.08
C PRO B 37 13.90 5.01 -33.29
N TYR B 38 15.06 5.38 -33.85
CA TYR B 38 15.10 6.20 -35.09
C TYR B 38 14.55 5.53 -36.37
N GLU B 39 14.33 4.19 -36.36
CA GLU B 39 13.77 3.41 -37.46
C GLU B 39 12.34 2.99 -37.11
N GLY B 40 11.88 3.49 -35.99
CA GLY B 40 10.54 3.14 -35.48
C GLY B 40 10.22 1.66 -35.37
N HIS B 41 11.20 0.84 -34.94
CA HIS B 41 11.02 -0.63 -34.89
C HIS B 41 11.21 -1.11 -33.41
N GLN B 42 10.25 -1.89 -32.90
CA GLN B 42 10.39 -2.63 -31.63
C GLN B 42 10.09 -4.10 -31.81
N GLU B 43 10.74 -4.96 -31.04
CA GLU B 43 10.32 -6.35 -30.96
C GLU B 43 10.43 -6.75 -29.51
N MET B 44 9.56 -7.62 -29.04
CA MET B 44 9.58 -7.93 -27.60
C MET B 44 8.83 -9.20 -27.36
N THR B 45 9.07 -9.77 -26.19
CA THR B 45 8.33 -10.93 -25.71
C THR B 45 7.59 -10.56 -24.42
N LEU B 46 6.31 -10.92 -24.34
CA LEU B 46 5.51 -10.53 -23.19
C LEU B 46 4.87 -11.75 -22.57
N ARG B 47 4.90 -11.82 -21.23
CA ARG B 47 4.36 -12.98 -20.49
C ARG B 47 3.14 -12.56 -19.64
N VAL B 48 1.99 -13.16 -19.89
CA VAL B 48 0.76 -12.88 -19.11
C VAL B 48 0.58 -13.90 -17.96
N THR B 49 0.37 -13.40 -16.74
CA THR B 49 -0.02 -14.25 -15.63
C THR B 49 -1.34 -13.79 -15.05
N MET B 50 -2.32 -14.68 -15.13
CA MET B 50 -3.62 -14.44 -14.48
C MET B 50 -3.49 -14.58 -12.99
N ALA B 51 -4.18 -13.69 -12.25
CA ALA B 51 -4.14 -13.72 -10.77
C ALA B 51 -4.66 -15.06 -10.28
N LYS B 52 -5.62 -15.58 -10.99
CA LYS B 52 -6.26 -16.90 -10.64
C LYS B 52 -5.60 -18.05 -11.39
N GLY B 53 -4.54 -17.76 -12.13
CA GLY B 53 -3.81 -18.80 -12.88
C GLY B 53 -4.50 -19.15 -14.18
N GLY B 54 -3.86 -20.03 -14.97
CA GLY B 54 -4.47 -20.60 -16.17
C GLY B 54 -4.38 -19.70 -17.36
N PRO B 55 -5.05 -20.07 -18.47
CA PRO B 55 -4.88 -19.32 -19.75
C PRO B 55 -5.63 -17.98 -19.70
N MET B 56 -5.09 -16.96 -20.36
CA MET B 56 -5.76 -15.69 -20.35
C MET B 56 -7.11 -15.84 -21.10
N PRO B 57 -8.17 -15.27 -20.54
CA PRO B 57 -9.51 -15.37 -21.06
C PRO B 57 -9.88 -14.28 -22.00
N PHE B 58 -8.89 -13.64 -22.62
CA PHE B 58 -9.18 -12.58 -23.58
C PHE B 58 -8.14 -12.60 -24.65
N ALA B 59 -8.48 -12.11 -25.84
CA ALA B 59 -7.49 -11.88 -26.88
C ALA B 59 -6.38 -10.90 -26.49
N PHE B 60 -5.14 -11.26 -26.82
CA PHE B 60 -4.02 -10.34 -26.46
C PHE B 60 -4.10 -8.99 -27.19
N ASP B 61 -4.83 -8.93 -28.33
CA ASP B 61 -5.00 -7.64 -29.01
C ASP B 61 -5.56 -6.54 -28.06
N LEU B 62 -6.31 -6.97 -27.04
CA LEU B 62 -6.90 -6.00 -26.08
C LEU B 62 -5.79 -5.15 -25.48
N VAL B 63 -4.60 -5.76 -25.29
CA VAL B 63 -3.47 -5.08 -24.61
C VAL B 63 -2.27 -4.81 -25.47
N SER B 64 -2.22 -5.27 -26.73
CA SER B 64 -0.92 -5.24 -27.44
C SER B 64 -0.46 -3.83 -27.82
N HIS B 65 -1.44 -2.91 -28.03
CA HIS B 65 -1.18 -1.53 -28.31
C HIS B 65 -0.59 -0.81 -27.13
N VAL B 66 -0.54 -1.44 -25.95
CA VAL B 66 0.11 -0.81 -24.77
C VAL B 66 1.67 -0.83 -24.77
N0 CFY B 67 2.19 -1.79 -25.56
CA0 CFY B 67 3.68 -2.05 -25.52
C0 CFY B 67 4.43 -1.61 -26.83
O0 CFY B 67 5.78 -1.44 -26.54
CB0 CFY B 67 3.93 -3.53 -25.23
CG1 CFY B 67 3.09 -4.03 -24.04
CD1 CFY B 67 1.96 -4.84 -24.30
CE1 CFY B 67 1.19 -5.34 -23.25
CZ1 CFY B 67 1.52 -4.96 -21.92
CE2 CFY B 67 2.64 -4.15 -21.63
CD2 CFY B 67 3.44 -3.70 -22.69
N1 CFY B 67 3.88 -0.35 -27.27
CA1 CFY B 67 3.13 -0.29 -28.35
C1 CFY B 67 2.39 0.86 -28.60
CB1 CFY B 67 2.92 -1.56 -29.15
SG CFY B 67 4.12 -2.66 -28.34
N2 CFY B 67 1.59 0.87 -29.69
CA2 CFY B 67 0.95 2.04 -29.74
C2 CFY B 67 1.33 2.69 -28.59
O2 CFY B 67 0.96 3.83 -28.26
CB2 CFY B 67 -0.01 2.54 -30.63
CG2 CFY B 67 -0.55 1.91 -31.78
CD3 CFY B 67 -0.21 0.59 -32.23
CD4 CFY B 67 -1.42 2.66 -32.54
CE3 CFY B 67 -0.80 0.14 -33.46
CE4 CFY B 67 -2.05 2.21 -33.74
CZ2 CFY B 67 -1.72 0.91 -34.19
OH CFY B 67 -2.16 0.50 -35.28
N3 CFY B 67 2.26 1.99 -27.94
CA3 CFY B 67 2.72 2.33 -26.69
C3 CFY B 67 3.99 2.74 -26.26
O3 CFY B 67 4.22 2.94 -25.04
N HIS B 68 4.73 2.80 -27.28
CA HIS B 68 6.14 3.18 -26.92
C HIS B 68 6.58 4.13 -28.02
N ARG B 69 6.06 5.36 -27.99
CA ARG B 69 6.26 6.29 -29.11
C ARG B 69 7.65 6.81 -29.36
N PRO B 70 8.62 6.69 -28.40
CA PRO B 70 10.02 6.95 -28.86
C PRO B 70 10.45 6.08 -30.04
N PHE B 71 9.82 4.89 -30.21
CA PHE B 71 10.00 4.01 -31.34
C PHE B 71 9.09 4.41 -32.52
N THR B 72 9.37 5.58 -33.06
CA THR B 72 8.77 6.09 -34.32
C THR B 72 9.83 6.74 -35.19
N LYS B 73 9.80 6.42 -36.47
CA LYS B 73 10.73 7.05 -37.41
C LYS B 73 10.16 8.45 -37.76
N TYR B 74 10.88 9.49 -37.35
CA TYR B 74 10.47 10.84 -37.60
C TYR B 74 11.38 11.40 -38.66
N PRO B 75 10.79 11.92 -39.73
CA PRO B 75 11.57 12.73 -40.67
C PRO B 75 12.21 13.96 -39.96
N GLU B 76 13.31 14.54 -40.50
CA GLU B 76 13.90 15.72 -39.85
C GLU B 76 12.92 16.91 -39.80
N GLU B 77 12.03 17.04 -40.81
CA GLU B 77 11.05 18.15 -40.94
C GLU B 77 9.97 18.16 -39.90
N ILE B 78 9.80 17.09 -39.13
CA ILE B 78 8.67 17.07 -38.15
C ILE B 78 9.30 16.87 -36.80
N PRO B 79 9.14 17.84 -35.89
CA PRO B 79 9.79 17.65 -34.58
C PRO B 79 9.27 16.38 -33.89
N ASP B 80 10.13 15.73 -33.10
CA ASP B 80 9.86 14.40 -32.55
C ASP B 80 9.70 14.62 -31.06
N TYR B 81 8.43 14.78 -30.66
CA TYR B 81 8.08 15.08 -29.27
C TYR B 81 8.53 13.96 -28.37
N PHE B 82 8.35 12.74 -28.86
CA PHE B 82 8.56 11.57 -28.02
C PHE B 82 10.02 11.36 -27.63
N LYS B 83 10.94 11.65 -28.54
CA LYS B 83 12.36 11.54 -28.24
C LYS B 83 12.81 12.73 -27.46
N GLN B 84 12.25 13.93 -27.78
CA GLN B 84 12.52 15.11 -26.97
C GLN B 84 12.15 14.98 -25.47
N ALA B 85 11.15 14.15 -25.19
CA ALA B 85 10.69 13.93 -23.81
C ALA B 85 11.71 13.30 -22.90
N PHE B 86 12.78 12.73 -23.46
CA PHE B 86 13.86 12.12 -22.61
C PHE B 86 15.08 13.08 -22.45
N PRO B 87 15.85 12.97 -21.33
CA PRO B 87 15.74 11.92 -20.32
C PRO B 87 14.58 12.01 -19.32
N GLU B 88 13.87 13.13 -19.26
CA GLU B 88 12.92 13.42 -18.18
C GLU B 88 11.78 12.39 -18.04
N GLY B 89 11.19 11.96 -19.16
CA GLY B 89 10.16 10.89 -19.06
C GLY B 89 9.01 11.22 -19.98
N LEU B 90 8.22 10.19 -20.27
CA LEU B 90 7.00 10.32 -21.10
C LEU B 90 5.88 9.48 -20.48
N SER B 91 4.66 10.02 -20.32
CA SER B 91 3.51 9.22 -19.92
C SER B 91 2.43 9.38 -20.96
N TRP B 92 1.45 8.48 -20.98
CA TRP B 92 0.36 8.61 -21.98
C TRP B 92 -0.89 7.94 -21.39
N GLU B 93 -2.05 8.23 -21.97
CA GLU B 93 -3.35 7.85 -21.38
C GLU B 93 -4.16 7.55 -22.61
N ARG B 94 -4.90 6.46 -22.57
CA ARG B 94 -5.74 6.08 -23.74
C ARG B 94 -7.07 5.54 -23.28
N SER B 95 -8.05 5.91 -24.09
CA SER B 95 -9.40 5.31 -23.99
C SER B 95 -9.63 4.46 -25.22
N LEU B 96 -10.30 3.32 -25.02
CA LEU B 96 -10.68 2.38 -26.11
C LEU B 96 -12.16 2.24 -26.09
N GLU B 97 -12.78 2.36 -27.26
CA GLU B 97 -14.25 2.10 -27.37
C GLU B 97 -14.50 1.12 -28.48
N PHE B 98 -14.94 -0.10 -28.13
CA PHE B 98 -15.13 -1.16 -29.14
C PHE B 98 -16.54 -1.07 -29.69
N GLU B 99 -16.75 -1.63 -30.87
CA GLU B 99 -18.04 -1.46 -31.50
C GLU B 99 -19.15 -2.25 -30.77
N ASP B 100 -18.79 -3.29 -30.04
CA ASP B 100 -19.80 -4.03 -29.28
C ASP B 100 -20.05 -3.48 -27.86
N GLY B 101 -19.46 -2.34 -27.48
CA GLY B 101 -19.80 -1.73 -26.19
C GLY B 101 -18.75 -2.04 -25.12
N GLY B 102 -17.81 -2.96 -25.42
CA GLY B 102 -16.63 -3.18 -24.52
C GLY B 102 -15.79 -1.91 -24.55
N SER B 103 -15.06 -1.60 -23.48
CA SER B 103 -14.23 -0.43 -23.46
C SER B 103 -13.15 -0.62 -22.46
N ALA B 104 -12.14 0.25 -22.52
CA ALA B 104 -11.06 0.13 -21.53
C ALA B 104 -10.33 1.45 -21.45
N SER B 105 -9.56 1.60 -20.38
CA SER B 105 -8.79 2.77 -20.09
C SER B 105 -7.44 2.29 -19.63
N VAL B 106 -6.39 2.90 -20.17
CA VAL B 106 -5.03 2.46 -19.83
C VAL B 106 -4.12 3.66 -19.69
N SER B 107 -3.20 3.62 -18.74
CA SER B 107 -2.23 4.70 -18.74
C SER B 107 -0.87 4.12 -18.46
N ALA B 108 0.16 4.79 -18.92
CA ALA B 108 1.54 4.18 -18.79
C ALA B 108 2.52 5.33 -18.50
N HIS B 109 3.61 5.01 -17.80
CA HIS B 109 4.70 5.93 -17.59
C HIS B 109 5.98 5.21 -18.15
N ILE B 110 6.82 5.96 -18.84
CA ILE B 110 8.03 5.40 -19.40
C ILE B 110 9.21 6.23 -18.89
N SER B 111 10.19 5.53 -18.29
CA SER B 111 11.39 6.18 -17.85
C SER B 111 12.59 5.57 -18.62
N LEU B 112 13.74 6.21 -18.45
CA LEU B 112 14.96 5.77 -19.16
C LEU B 112 16.14 5.70 -18.21
N ARG B 113 16.84 4.57 -18.25
CA ARG B 113 18.15 4.44 -17.59
C ARG B 113 19.15 3.74 -18.52
N GLY B 114 20.22 4.44 -18.85
CA GLY B 114 21.21 3.88 -19.75
C GLY B 114 20.59 3.63 -21.12
N ASN B 115 20.65 2.40 -21.58
CA ASN B 115 20.10 2.11 -22.93
C ASN B 115 18.77 1.37 -22.76
N THR B 116 18.16 1.43 -21.56
CA THR B 116 16.89 0.69 -21.30
C THR B 116 15.73 1.59 -20.93
N PHE B 117 14.64 1.46 -21.72
CA PHE B 117 13.40 2.10 -21.29
C PHE B 117 12.62 1.21 -20.30
N TYR B 118 12.06 1.79 -19.22
CA TYR B 118 11.20 1.01 -18.25
C TYR B 118 9.76 1.48 -18.48
N HIS B 119 8.85 0.57 -18.84
CA HIS B 119 7.48 0.93 -19.24
C HIS B 119 6.50 0.27 -18.22
N LYS B 120 5.74 1.07 -17.49
CA LYS B 120 4.86 0.60 -16.42
C LYS B 120 3.46 1.09 -16.75
N SER B 121 2.50 0.15 -16.72
CA SER B 121 1.17 0.50 -17.18
C SER B 121 0.07 -0.06 -16.26
N LYS B 122 -1.09 0.60 -16.30
CA LYS B 122 -2.28 0.19 -15.51
C LYS B 122 -3.42 0.10 -16.53
N PHE B 123 -4.14 -1.04 -16.57
CA PHE B 123 -5.12 -1.25 -17.65
C PHE B 123 -6.42 -1.75 -17.00
N THR B 124 -7.55 -1.10 -17.29
CA THR B 124 -8.85 -1.63 -16.77
C THR B 124 -9.81 -1.76 -17.94
N GLY B 125 -10.28 -2.97 -18.23
CA GLY B 125 -11.25 -3.24 -19.35
C GLY B 125 -12.63 -3.67 -18.76
N VAL B 126 -13.72 -3.18 -19.35
CA VAL B 126 -15.07 -3.38 -18.78
C VAL B 126 -16.13 -3.59 -19.88
N ASN B 127 -17.24 -4.26 -19.48
CA ASN B 127 -18.43 -4.35 -20.36
C ASN B 127 -18.19 -5.10 -21.67
N PHE B 128 -17.18 -6.00 -21.71
CA PHE B 128 -17.06 -6.84 -22.88
C PHE B 128 -18.08 -7.96 -22.86
N PRO B 129 -18.80 -8.16 -23.99
CA PRO B 129 -19.81 -9.24 -24.08
C PRO B 129 -19.12 -10.58 -23.85
N ALA B 130 -19.78 -11.45 -23.10
CA ALA B 130 -19.10 -12.70 -22.77
C ALA B 130 -18.75 -13.50 -24.01
N ASP B 131 -19.60 -13.36 -25.06
CA ASP B 131 -19.44 -14.13 -26.28
C ASP B 131 -18.80 -13.37 -27.43
N GLY B 132 -18.30 -12.17 -27.14
CA GLY B 132 -17.66 -11.37 -28.15
C GLY B 132 -16.25 -11.86 -28.47
N PRO B 133 -15.65 -11.25 -29.49
CA PRO B 133 -14.36 -11.67 -30.00
C PRO B 133 -13.24 -11.44 -28.99
N ILE B 134 -13.30 -10.36 -28.23
CA ILE B 134 -12.27 -10.14 -27.23
C ILE B 134 -12.31 -11.25 -26.20
N MET B 135 -13.47 -11.49 -25.58
CA MET B 135 -13.37 -12.42 -24.40
C MET B 135 -13.35 -13.89 -24.86
N GLN B 136 -13.68 -14.12 -26.13
CA GLN B 136 -13.56 -15.49 -26.63
C GLN B 136 -12.23 -15.68 -27.39
N ASN B 137 -11.31 -14.70 -27.29
CA ASN B 137 -10.03 -14.84 -27.92
C ASN B 137 -10.15 -15.23 -29.43
N GLN B 138 -11.02 -14.53 -30.16
CA GLN B 138 -11.26 -14.76 -31.61
C GLN B 138 -10.53 -13.79 -32.57
N SER B 139 -9.96 -12.69 -32.04
CA SER B 139 -9.23 -11.81 -32.95
C SER B 139 -7.78 -12.30 -32.96
N VAL B 140 -7.02 -11.98 -34.02
CA VAL B 140 -5.66 -12.48 -34.14
C VAL B 140 -4.61 -11.41 -34.38
N ASP B 141 -5.06 -10.17 -34.62
CA ASP B 141 -4.17 -9.06 -34.86
C ASP B 141 -5.00 -7.78 -34.92
N TRP B 142 -4.30 -6.66 -34.89
CA TRP B 142 -4.86 -5.40 -35.31
C TRP B 142 -4.47 -5.18 -36.77
N GLU B 143 -5.35 -4.50 -37.52
CA GLU B 143 -4.98 -4.05 -38.89
C GLU B 143 -3.92 -2.91 -38.78
N PRO B 144 -3.06 -2.71 -39.81
CA PRO B 144 -2.23 -1.51 -39.77
C PRO B 144 -3.14 -0.25 -39.85
N SER B 145 -2.67 0.87 -39.29
CA SER B 145 -3.54 2.03 -39.15
C SER B 145 -2.72 3.27 -39.37
N THR B 146 -3.39 4.39 -39.52
CA THR B 146 -2.79 5.69 -39.50
C THR B 146 -3.46 6.60 -38.44
N GLU B 147 -2.69 7.03 -37.43
CA GLU B 147 -3.19 7.87 -36.33
C GLU B 147 -2.92 9.37 -36.60
N LYS B 148 -3.92 10.20 -36.35
CA LYS B 148 -3.78 11.67 -36.47
C LYS B 148 -3.29 12.25 -35.15
N ILE B 149 -2.20 12.96 -35.24
CA ILE B 149 -1.50 13.58 -34.05
C ILE B 149 -1.79 15.09 -34.08
N THR B 150 -2.27 15.65 -32.96
CA THR B 150 -2.47 17.13 -32.88
C THR B 150 -1.72 17.64 -31.66
N ALA B 151 -1.39 18.93 -31.67
CA ALA B 151 -0.57 19.48 -30.61
C ALA B 151 -1.37 20.47 -29.87
N SER B 152 -1.45 20.29 -28.56
CA SER B 152 -2.23 21.16 -27.70
C SER B 152 -1.31 21.85 -26.72
N ASP B 153 -1.70 21.78 -25.47
CA ASP B 153 -1.08 22.68 -24.48
C ASP B 153 0.20 22.04 -23.89
N GLY B 154 1.31 22.04 -24.67
CA GLY B 154 2.56 21.22 -24.46
C GLY B 154 2.37 19.68 -24.45
N VAL B 155 1.18 19.24 -24.84
CA VAL B 155 0.81 17.82 -24.89
C VAL B 155 0.41 17.51 -26.31
N LEU B 156 0.50 16.24 -26.69
CA LEU B 156 0.01 15.75 -27.99
C LEU B 156 -1.20 14.88 -27.76
N LYS B 157 -2.04 14.82 -28.78
CA LYS B 157 -3.21 13.95 -28.75
C LYS B 157 -3.20 13.14 -30.01
N GLY B 158 -3.71 11.90 -29.91
CA GLY B 158 -3.78 11.00 -31.04
C GLY B 158 -5.17 10.42 -31.18
N ASP B 159 -5.67 10.33 -32.41
CA ASP B 159 -6.94 9.71 -32.66
C ASP B 159 -6.72 8.72 -33.79
N VAL B 160 -7.16 7.50 -33.56
CA VAL B 160 -7.01 6.47 -34.62
C VAL B 160 -8.23 5.53 -34.51
N THR B 161 -8.83 5.28 -35.66
CA THR B 161 -9.80 4.20 -35.76
C THR B 161 -9.16 2.85 -36.04
N MET B 162 -9.27 1.91 -35.11
CA MET B 162 -8.60 0.64 -35.23
C MET B 162 -9.55 -0.46 -35.61
N TYR B 163 -9.02 -1.51 -36.23
CA TYR B 163 -9.84 -2.72 -36.56
C TYR B 163 -9.13 -3.97 -36.15
N LEU B 164 -9.80 -4.80 -35.37
CA LEU B 164 -9.33 -6.13 -35.09
C LEU B 164 -9.51 -6.94 -36.36
N LYS B 165 -8.53 -7.84 -36.60
CA LYS B 165 -8.69 -8.92 -37.60
C LYS B 165 -9.28 -10.12 -36.87
N LEU B 166 -10.39 -10.64 -37.38
CA LEU B 166 -11.04 -11.77 -36.73
C LEU B 166 -10.63 -13.09 -37.35
N GLU B 167 -10.57 -14.14 -36.51
CA GLU B 167 -10.32 -15.59 -36.86
C GLU B 167 -11.16 -15.91 -38.08
N GLY B 168 -12.43 -15.54 -38.05
CA GLY B 168 -13.32 -15.82 -39.22
C GLY B 168 -12.97 -15.16 -40.56
N GLY B 169 -12.28 -14.02 -40.52
CA GLY B 169 -12.15 -13.16 -41.69
C GLY B 169 -12.76 -11.78 -41.48
N GLY B 170 -13.65 -11.61 -40.53
CA GLY B 170 -14.22 -10.25 -40.38
C GLY B 170 -13.26 -9.19 -39.75
N ASN B 171 -13.83 -8.03 -39.45
CA ASN B 171 -13.13 -6.98 -38.65
C ASN B 171 -14.06 -6.60 -37.51
N HIS B 172 -13.49 -5.86 -36.53
CA HIS B 172 -14.23 -5.41 -35.35
C HIS B 172 -13.62 -4.07 -34.98
N LYS B 173 -14.38 -2.98 -35.03
CA LYS B 173 -13.83 -1.59 -34.87
C LYS B 173 -13.58 -1.21 -33.44
N CYS B 174 -12.56 -0.37 -33.23
CA CYS B 174 -12.23 0.18 -31.86
C CYS B 174 -11.66 1.60 -32.07
N GLN B 175 -12.27 2.57 -31.42
CA GLN B 175 -11.71 3.97 -31.48
C GLN B 175 -10.72 4.14 -30.35
N PHE B 176 -9.52 4.65 -30.67
CA PHE B 176 -8.54 4.96 -29.59
C PHE B 176 -8.47 6.50 -29.51
N LYS B 177 -8.45 7.01 -28.27
CA LYS B 177 -8.13 8.42 -28.08
C LYS B 177 -7.01 8.46 -27.07
N THR B 178 -5.89 9.08 -27.48
CA THR B 178 -4.70 9.06 -26.57
C THR B 178 -4.23 10.49 -26.28
N THR B 179 -3.73 10.72 -25.06
CA THR B 179 -3.01 11.94 -24.77
C THR B 179 -1.60 11.55 -24.38
N TYR B 180 -0.61 12.21 -24.97
CA TYR B 180 0.82 11.97 -24.73
C TYR B 180 1.44 13.12 -23.98
N LYS B 181 2.13 12.87 -22.86
CA LYS B 181 2.55 13.95 -22.00
C LYS B 181 4.01 13.73 -21.62
N ALA B 182 4.87 14.53 -22.20
CA ALA B 182 6.25 14.60 -21.68
C ALA B 182 6.32 15.13 -20.24
N ALA B 183 7.37 14.75 -19.49
CA ALA B 183 7.48 15.28 -18.13
C ALA B 183 7.76 16.78 -18.16
N LYS B 184 8.56 17.16 -19.18
CA LYS B 184 9.00 18.51 -19.46
C LYS B 184 8.43 19.06 -20.76
N LYS B 188 10.49 21.94 -28.80
CA LYS B 188 10.03 22.19 -30.13
C LYS B 188 8.77 21.30 -30.35
N MET B 189 7.59 21.90 -30.27
CA MET B 189 6.35 21.17 -30.60
C MET B 189 6.21 21.00 -32.09
N PRO B 190 5.73 19.81 -32.51
CA PRO B 190 5.29 19.61 -33.86
C PRO B 190 3.94 20.21 -34.05
N GLY B 191 3.53 20.32 -35.30
CA GLY B 191 2.19 20.67 -35.63
C GLY B 191 1.50 19.36 -35.95
N SER B 192 0.32 19.48 -36.49
CA SER B 192 -0.49 18.31 -36.78
C SER B 192 0.19 17.39 -37.78
N HIS B 193 0.16 16.07 -37.56
CA HIS B 193 0.77 15.14 -38.50
C HIS B 193 0.17 13.75 -38.27
N TYR B 194 0.75 12.76 -38.94
CA TYR B 194 0.24 11.39 -38.83
C TYR B 194 1.34 10.46 -38.36
N ILE B 195 0.93 9.34 -37.78
CA ILE B 195 1.84 8.23 -37.52
C ILE B 195 1.17 6.99 -38.06
N SER B 196 1.82 6.34 -39.01
CA SER B 196 1.29 5.03 -39.52
C SER B 196 1.98 3.92 -38.79
N HIS B 197 1.23 2.87 -38.48
CA HIS B 197 1.69 1.81 -37.62
C HIS B 197 1.41 0.41 -38.25
N ARG B 198 2.25 -0.56 -37.91
CA ARG B 198 1.97 -2.00 -38.24
C ARG B 198 2.43 -2.78 -37.02
N LEU B 199 1.45 -3.16 -36.18
CA LEU B 199 1.66 -3.98 -34.98
C LEU B 199 1.22 -5.39 -35.32
N VAL B 200 2.10 -6.35 -35.05
CA VAL B 200 1.86 -7.76 -35.41
C VAL B 200 2.24 -8.65 -34.26
N ARG B 201 1.39 -9.61 -33.94
CA ARG B 201 1.69 -10.52 -32.82
C ARG B 201 1.73 -11.99 -33.22
N LYS B 202 2.49 -12.76 -32.42
CA LYS B 202 2.57 -14.24 -32.55
C LYS B 202 2.48 -14.72 -31.17
N THR B 203 1.39 -15.46 -30.87
CA THR B 203 1.07 -15.83 -29.54
C THR B 203 1.03 -17.35 -29.37
N GLU B 204 1.61 -17.82 -28.27
CA GLU B 204 1.41 -19.23 -27.87
C GLU B 204 0.93 -19.23 -26.41
N GLY B 205 -0.39 -19.37 -26.23
CA GLY B 205 -0.99 -19.32 -24.92
C GLY B 205 -0.73 -17.98 -24.24
N ASN B 206 -0.01 -18.01 -23.12
CA ASN B 206 0.16 -16.79 -22.32
C ASN B 206 1.45 -16.04 -22.69
N ILE B 207 2.13 -16.46 -23.75
CA ILE B 207 3.39 -15.80 -24.16
C ILE B 207 3.22 -15.22 -25.55
N THR B 208 3.49 -13.92 -25.73
CA THR B 208 3.30 -13.33 -27.07
C THR B 208 4.55 -12.63 -27.48
N GLU B 209 4.87 -12.71 -28.76
CA GLU B 209 5.92 -11.89 -29.33
C GLU B 209 5.26 -10.84 -30.17
N LEU B 210 5.71 -9.60 -29.99
CA LEU B 210 5.13 -8.47 -30.67
C LEU B 210 6.18 -7.73 -31.49
N VAL B 211 5.80 -7.25 -32.68
CA VAL B 211 6.64 -6.36 -33.46
C VAL B 211 5.81 -5.15 -33.85
N GLU B 212 6.39 -3.95 -33.72
CA GLU B 212 5.75 -2.73 -34.24
C GLU B 212 6.72 -1.95 -35.09
N ASP B 213 6.22 -1.50 -36.22
CA ASP B 213 6.94 -0.54 -37.06
C ASP B 213 6.09 0.70 -37.23
N ALA B 214 6.66 1.84 -36.94
CA ALA B 214 5.85 3.07 -36.96
C ALA B 214 6.62 4.20 -37.62
N VAL B 215 5.96 5.08 -38.37
CA VAL B 215 6.66 6.17 -39.06
C VAL B 215 5.75 7.36 -39.10
N ALA B 216 6.34 8.53 -38.83
CA ALA B 216 5.59 9.79 -38.80
C ALA B 216 5.68 10.44 -40.17
N HIS B 217 4.59 11.07 -40.58
CA HIS B 217 4.56 11.67 -41.88
C HIS B 217 3.46 12.74 -41.93
N SER B 218 3.50 13.62 -42.95
CA SER B 218 2.41 14.58 -43.23
C SER B 218 1.24 14.01 -44.00
N SER C 6 -9.58 -20.66 41.15
CA SER C 6 -9.36 -19.79 39.95
C SER C 6 -7.95 -19.30 39.97
N VAL C 7 -7.31 -19.20 38.80
CA VAL C 7 -5.87 -18.86 38.85
C VAL C 7 -5.67 -17.35 38.93
N ILE C 8 -6.73 -16.60 38.61
CA ILE C 8 -6.67 -15.14 38.76
C ILE C 8 -7.51 -14.74 39.98
N LYS C 9 -6.84 -14.28 41.00
CA LYS C 9 -7.54 -13.91 42.27
C LYS C 9 -8.01 -12.43 42.25
N PRO C 10 -8.87 -12.01 43.20
CA PRO C 10 -9.33 -10.60 43.17
C PRO C 10 -8.26 -9.59 43.40
N GLU C 11 -7.23 -9.97 44.18
CA GLU C 11 -6.04 -9.13 44.35
C GLU C 11 -4.83 -9.86 43.76
N MET C 12 -4.10 -9.20 42.83
CA MET C 12 -2.95 -9.84 42.14
C MET C 12 -1.78 -8.88 42.18
N LYS C 13 -0.56 -9.45 42.04
CA LYS C 13 0.67 -8.62 41.99
C LYS C 13 1.20 -8.61 40.58
N MET C 14 2.07 -7.64 40.30
CA MET C 14 2.75 -7.57 38.99
C MET C 14 4.20 -7.26 39.21
N ARG C 15 5.02 -7.89 38.35
CA ARG C 15 6.42 -7.55 38.16
C ARG C 15 6.65 -7.26 36.65
N TYR C 16 7.48 -6.25 36.35
CA TYR C 16 7.67 -5.77 34.96
C TYR C 16 9.17 -5.61 34.68
N TYR C 17 9.52 -5.90 33.43
CA TYR C 17 10.88 -5.69 32.89
C TYR C 17 10.72 -5.37 31.42
N MET C 18 11.35 -4.28 30.98
CA MET C 18 11.37 -3.91 29.55
C MET C 18 12.80 -3.69 29.09
N ASP C 19 13.14 -4.22 27.92
CA ASP C 19 14.35 -3.76 27.21
C ASP C 19 13.90 -2.86 26.09
N GLY C 20 14.45 -1.66 26.03
CA GLY C 20 13.93 -0.71 25.07
C GLY C 20 15.01 0.11 24.44
N SER C 21 14.62 0.72 23.32
CA SER C 21 15.44 1.79 22.80
C SER C 21 14.50 2.79 22.08
N VAL C 22 14.85 4.04 22.11
CA VAL C 22 14.11 5.05 21.33
C VAL C 22 15.11 6.03 20.73
N ASN C 23 15.00 6.27 19.44
CA ASN C 23 15.97 7.11 18.73
C ASN C 23 17.40 6.67 19.12
N GLY C 24 17.61 5.38 19.27
CA GLY C 24 19.00 4.88 19.48
C GLY C 24 19.45 4.98 20.92
N HIS C 25 18.61 5.57 21.77
CA HIS C 25 18.94 5.59 23.23
C HIS C 25 18.45 4.32 23.88
N GLU C 26 19.38 3.52 24.37
CA GLU C 26 19.02 2.20 24.97
C GLU C 26 18.68 2.40 26.44
N PHE C 27 17.74 1.61 26.98
CA PHE C 27 17.30 1.75 28.37
C PHE C 27 16.59 0.48 28.79
N THR C 28 16.43 0.31 30.08
CA THR C 28 15.61 -0.79 30.61
C THR C 28 14.67 -0.15 31.62
N ILE C 29 13.53 -0.82 31.87
CA ILE C 29 12.58 -0.39 32.89
C ILE C 29 12.27 -1.60 33.74
N GLU C 30 12.23 -1.40 35.06
CA GLU C 30 11.85 -2.52 35.96
C GLU C 30 10.85 -1.96 36.91
N GLY C 31 9.87 -2.73 37.36
CA GLY C 31 8.97 -2.25 38.39
C GLY C 31 8.01 -3.26 38.96
N GLU C 32 7.09 -2.81 39.82
CA GLU C 32 6.13 -3.73 40.43
C GLU C 32 4.85 -3.00 40.74
N GLY C 33 3.78 -3.74 40.89
CA GLY C 33 2.55 -3.12 41.25
C GLY C 33 1.58 -4.10 41.86
N THR C 34 0.38 -3.59 42.12
CA THR C 34 -0.70 -4.46 42.58
C THR C 34 -1.97 -4.07 41.85
N GLY C 35 -2.92 -4.98 41.73
CA GLY C 35 -4.13 -4.67 40.99
C GLY C 35 -5.31 -5.52 41.29
N ARG C 36 -6.44 -5.18 40.71
CA ARG C 36 -7.68 -5.87 40.94
C ARG C 36 -8.18 -6.29 39.57
N PRO C 37 -7.97 -7.52 39.19
CA PRO C 37 -8.27 -7.88 37.78
C PRO C 37 -9.74 -7.77 37.43
N TYR C 38 -10.62 -8.19 38.34
CA TYR C 38 -12.05 -8.13 38.04
C TYR C 38 -12.66 -6.73 38.11
N GLU C 39 -11.93 -5.79 38.73
CA GLU C 39 -12.31 -4.38 38.73
C GLU C 39 -11.57 -3.56 37.69
N GLY C 40 -10.68 -4.18 36.93
CA GLY C 40 -9.92 -3.44 35.87
C GLY C 40 -8.99 -2.38 36.39
N HIS C 41 -8.36 -2.59 37.56
CA HIS C 41 -7.56 -1.53 38.19
C HIS C 41 -6.13 -2.02 38.41
N GLN C 42 -5.14 -1.20 38.01
CA GLN C 42 -3.70 -1.51 38.30
C GLN C 42 -3.07 -0.25 38.84
N GLU C 43 -2.19 -0.41 39.81
CA GLU C 43 -1.27 0.68 40.21
C GLU C 43 0.16 0.16 40.28
N MET C 44 1.17 0.92 39.90
CA MET C 44 2.51 0.36 39.89
C MET C 44 3.54 1.49 39.95
N THR C 45 4.78 1.14 40.28
CA THR C 45 5.91 2.02 40.19
C THR C 45 6.90 1.46 39.18
N LEU C 46 7.42 2.32 38.30
CA LEU C 46 8.33 1.88 37.25
C LEU C 46 9.58 2.74 37.31
N ARG C 47 10.74 2.12 37.21
CA ARG C 47 12.03 2.86 37.27
C ARG C 47 12.79 2.63 35.97
N VAL C 48 13.23 3.72 35.36
CA VAL C 48 13.94 3.67 34.07
C VAL C 48 15.40 3.84 34.34
N THR C 49 16.24 3.04 33.69
CA THR C 49 17.68 3.26 33.69
C THR C 49 18.19 3.32 32.26
N MET C 50 18.81 4.43 31.91
CA MET C 50 19.41 4.61 30.61
C MET C 50 20.70 3.89 30.62
N ALA C 51 21.01 3.23 29.50
CA ALA C 51 22.27 2.47 29.43
C ALA C 51 23.44 3.43 29.60
N LYS C 52 23.28 4.65 29.08
CA LYS C 52 24.35 5.68 29.26
C LYS C 52 24.24 6.52 30.55
N GLY C 53 23.31 6.17 31.44
CA GLY C 53 23.10 6.92 32.73
C GLY C 53 22.25 8.18 32.44
N GLY C 54 21.86 8.88 33.49
CA GLY C 54 21.28 10.19 33.26
C GLY C 54 19.77 10.16 33.17
N PRO C 55 19.18 11.35 33.05
CA PRO C 55 17.72 11.47 32.99
C PRO C 55 17.23 10.93 31.63
N MET C 56 16.09 10.26 31.61
CA MET C 56 15.55 9.68 30.37
C MET C 56 15.23 10.88 29.46
N PRO C 57 15.67 10.81 28.21
CA PRO C 57 15.53 11.92 27.24
C PRO C 57 14.26 11.80 26.44
N PHE C 58 13.22 11.18 27.00
CA PHE C 58 11.94 11.09 26.28
C PHE C 58 10.83 11.08 27.29
N ALA C 59 9.64 11.47 26.84
CA ALA C 59 8.49 11.49 27.72
C ALA C 59 8.07 10.05 28.07
N PHE C 60 7.75 9.82 29.35
CA PHE C 60 7.33 8.47 29.80
C PHE C 60 6.06 7.97 29.09
N ASP C 61 5.26 8.89 28.55
CA ASP C 61 4.05 8.48 27.82
C ASP C 61 4.41 7.53 26.66
N LEU C 62 5.60 7.66 26.10
CA LEU C 62 6.01 6.77 24.98
C LEU C 62 5.86 5.34 25.35
N VAL C 63 6.17 4.99 26.63
CA VAL C 63 6.10 3.60 27.10
C VAL C 63 4.99 3.22 28.11
N SER C 64 4.23 4.18 28.62
CA SER C 64 3.35 3.87 29.80
C SER C 64 2.26 2.90 29.44
N HIS C 65 1.78 2.92 28.16
CA HIS C 65 0.73 2.02 27.67
C HIS C 65 1.22 0.60 27.57
N VAL C 66 2.52 0.38 27.83
CA VAL C 66 2.98 -1.02 27.74
C VAL C 66 2.61 -1.76 29.09
N0 CFY C 67 2.54 -1.00 30.17
CA0 CFY C 67 2.41 -1.67 31.51
C0 CFY C 67 0.95 -1.64 32.14
O0 CFY C 67 0.86 -2.69 33.12
CB0 CFY C 67 3.32 -0.93 32.51
CG1 CFY C 67 4.76 -0.79 31.94
CD1 CFY C 67 5.23 0.49 31.57
CE1 CFY C 67 6.52 0.67 31.02
CZ1 CFY C 67 7.36 -0.47 30.92
CE2 CFY C 67 6.91 -1.74 31.27
CD2 CFY C 67 5.58 -1.92 31.80
N1 CFY C 67 0.07 -2.05 31.05
CA1 CFY C 67 -0.70 -1.08 30.50
C1 CFY C 67 -1.39 -1.31 29.31
CB1 CFY C 67 -0.76 0.29 31.15
SG CFY C 67 0.27 0.04 32.67
N2 CFY C 67 -2.21 -0.33 28.84
CA2 CFY C 67 -2.69 -0.75 27.65
C2 CFY C 67 -2.09 -2.01 27.40
O2 CFY C 67 -2.36 -2.79 26.48
CB2 CFY C 67 -3.53 -0.07 26.71
CG2 CFY C 67 -4.07 1.23 26.74
CD3 CFY C 67 -3.88 2.18 27.74
CD4 CFY C 67 -4.90 1.59 25.63
CE3 CFY C 67 -4.50 3.45 27.73
CE4 CFY C 67 -5.51 2.87 25.60
CZ2 CFY C 67 -5.36 3.78 26.65
OH CFY C 67 -5.96 4.90 26.66
N3 CFY C 67 -1.30 -2.35 28.44
CA3 CFY C 67 -0.53 -3.47 28.51
C3 CFY C 67 -0.72 -4.66 29.29
O3 CFY C 67 0.19 -5.51 29.23
N HIS C 68 -1.66 -4.69 30.00
CA HIS C 68 -1.92 -5.77 30.99
C HIS C 68 -3.41 -6.06 31.01
N ARG C 69 -3.91 -6.58 29.88
CA ARG C 69 -5.36 -6.74 29.74
C ARG C 69 -6.11 -7.76 30.66
N PRO C 70 -5.39 -8.66 31.41
CA PRO C 70 -6.12 -9.34 32.50
C PRO C 70 -6.77 -8.33 33.50
N PHE C 71 -6.18 -7.13 33.58
CA PHE C 71 -6.73 -6.07 34.36
C PHE C 71 -7.71 -5.25 33.58
N THR C 72 -8.84 -5.90 33.29
CA THR C 72 -10.00 -5.21 32.69
C THR C 72 -11.30 -5.71 33.33
N LYS C 73 -12.17 -4.79 33.71
CA LYS C 73 -13.56 -5.11 34.18
C LYS C 73 -14.44 -5.57 33.01
N TYR C 74 -14.76 -6.88 32.98
CA TYR C 74 -15.55 -7.46 31.92
C TYR C 74 -16.96 -7.69 32.44
N PRO C 75 -17.98 -7.18 31.74
CA PRO C 75 -19.30 -7.57 32.22
C PRO C 75 -19.57 -9.07 31.92
N GLU C 76 -20.54 -9.71 32.58
CA GLU C 76 -20.65 -11.17 32.45
C GLU C 76 -21.01 -11.61 31.03
N GLU C 77 -21.72 -10.77 30.30
CA GLU C 77 -22.20 -11.16 28.99
C GLU C 77 -21.13 -11.05 27.86
N ILE C 78 -19.92 -10.57 28.17
CA ILE C 78 -18.81 -10.56 27.18
C ILE C 78 -17.69 -11.49 27.66
N PRO C 79 -17.33 -12.51 26.83
CA PRO C 79 -16.29 -13.47 27.18
C PRO C 79 -14.97 -12.73 27.34
N ASP C 80 -14.25 -13.11 28.40
CA ASP C 80 -13.03 -12.40 28.80
C ASP C 80 -11.85 -13.22 28.28
N TYR C 81 -11.39 -12.85 27.07
CA TYR C 81 -10.28 -13.56 26.41
C TYR C 81 -9.06 -13.54 27.30
N PHE C 82 -8.84 -12.38 27.95
CA PHE C 82 -7.57 -12.12 28.59
C PHE C 82 -7.43 -12.94 29.88
N LYS C 83 -8.54 -13.12 30.61
CA LYS C 83 -8.47 -14.00 31.79
C LYS C 83 -8.48 -15.48 31.38
N GLN C 84 -9.20 -15.78 30.31
CA GLN C 84 -9.23 -17.18 29.81
C GLN C 84 -7.83 -17.64 29.40
N ALA C 85 -6.95 -16.67 29.12
CA ALA C 85 -5.58 -16.96 28.62
C ALA C 85 -4.64 -17.49 29.69
N PHE C 86 -5.10 -17.45 30.96
CA PHE C 86 -4.32 -17.99 32.08
C PHE C 86 -4.90 -19.30 32.60
N PRO C 87 -4.04 -20.23 33.11
CA PRO C 87 -2.65 -20.00 33.48
C PRO C 87 -1.63 -19.97 32.35
N GLU C 88 -2.03 -20.33 31.11
CA GLU C 88 -1.03 -20.67 30.07
C GLU C 88 -0.21 -19.49 29.62
N GLY C 89 -0.88 -18.36 29.51
CA GLY C 89 -0.11 -17.15 29.16
C GLY C 89 -0.76 -16.31 28.11
N LEU C 90 -0.27 -15.07 28.00
CA LEU C 90 -0.84 -14.10 27.02
C LEU C 90 0.29 -13.25 26.47
N SER C 91 0.31 -12.97 25.17
CA SER C 91 1.32 -12.11 24.65
C SER C 91 0.60 -11.07 23.82
N TRP C 92 1.28 -9.98 23.47
CA TRP C 92 0.61 -8.99 22.60
C TRP C 92 1.63 -8.21 21.87
N GLU C 93 1.23 -7.60 20.74
CA GLU C 93 2.17 -6.89 19.85
C GLU C 93 1.47 -5.53 19.53
N ARG C 94 2.21 -4.45 19.40
CA ARG C 94 1.59 -3.17 19.09
C ARG C 94 2.45 -2.31 18.19
N SER C 95 1.80 -1.60 17.29
CA SER C 95 2.46 -0.56 16.52
C SER C 95 1.94 0.78 16.98
N LEU C 96 2.83 1.76 16.93
CA LEU C 96 2.43 3.13 17.26
C LEU C 96 2.87 4.02 16.14
N GLU C 97 1.98 4.90 15.67
CA GLU C 97 2.33 5.86 14.59
C GLU C 97 1.85 7.26 15.08
N PHE C 98 2.82 8.11 15.38
CA PHE C 98 2.59 9.47 15.84
C PHE C 98 2.47 10.43 14.69
N GLU C 99 1.79 11.52 14.93
CA GLU C 99 1.45 12.45 13.86
C GLU C 99 2.65 13.19 13.31
N ASP C 100 3.76 13.26 14.04
CA ASP C 100 4.92 13.90 13.47
C ASP C 100 5.91 12.90 12.84
N GLY C 101 5.48 11.66 12.61
CA GLY C 101 6.41 10.70 11.95
C GLY C 101 7.18 9.81 12.90
N GLY C 102 7.15 10.07 14.22
CA GLY C 102 7.75 9.12 15.18
C GLY C 102 6.93 7.86 15.14
N SER C 103 7.56 6.71 15.42
CA SER C 103 6.81 5.44 15.45
C SER C 103 7.54 4.46 16.31
N ALA C 104 6.80 3.43 16.73
CA ALA C 104 7.40 2.43 17.61
C ALA C 104 6.70 1.09 17.48
N SER C 105 7.47 0.04 17.79
CA SER C 105 6.97 -1.32 17.84
C SER C 105 7.26 -1.87 19.19
N VAL C 106 6.32 -2.63 19.74
CA VAL C 106 6.57 -3.25 21.04
C VAL C 106 5.84 -4.60 21.13
N SER C 107 6.49 -5.54 21.78
CA SER C 107 5.84 -6.81 22.05
C SER C 107 6.10 -7.20 23.49
N ALA C 108 5.15 -7.93 24.07
CA ALA C 108 5.28 -8.28 25.49
C ALA C 108 4.71 -9.70 25.69
N HIS C 109 5.22 -10.40 26.70
CA HIS C 109 4.77 -11.75 27.06
C HIS C 109 4.44 -11.61 28.54
N ILE C 110 3.28 -12.14 28.92
CA ILE C 110 2.83 -12.10 30.32
C ILE C 110 2.64 -13.55 30.81
N SER C 111 3.30 -13.90 31.93
CA SER C 111 3.20 -15.27 32.50
C SER C 111 2.64 -15.06 33.91
N LEU C 112 2.22 -16.16 34.54
CA LEU C 112 1.67 -16.08 35.88
C LEU C 112 2.29 -17.18 36.76
N ARG C 113 2.79 -16.79 37.94
CA ARG C 113 3.29 -17.74 38.96
C ARG C 113 2.64 -17.34 40.28
N GLY C 114 1.85 -18.25 40.86
CA GLY C 114 1.10 -17.96 42.11
C GLY C 114 0.24 -16.71 41.98
N ASN C 115 0.52 -15.73 42.83
CA ASN C 115 -0.27 -14.48 42.91
C ASN C 115 0.30 -13.37 42.01
N THR C 116 1.34 -13.67 41.23
CA THR C 116 2.10 -12.60 40.50
C THR C 116 2.12 -12.83 38.99
N PHE C 117 1.75 -11.78 38.26
CA PHE C 117 1.99 -11.79 36.80
C PHE C 117 3.40 -11.22 36.52
N TYR C 118 4.12 -11.86 35.60
CA TYR C 118 5.46 -11.41 35.14
C TYR C 118 5.31 -10.94 33.72
N HIS C 119 5.72 -9.69 33.47
CA HIS C 119 5.43 -8.98 32.22
C HIS C 119 6.76 -8.56 31.68
N LYS C 120 7.12 -9.07 30.52
CA LYS C 120 8.39 -8.79 29.94
C LYS C 120 8.18 -8.21 28.58
N SER C 121 8.88 -7.11 28.24
CA SER C 121 8.60 -6.48 26.95
C SER C 121 9.87 -6.07 26.25
N LYS C 122 9.72 -5.87 24.93
CA LYS C 122 10.79 -5.34 24.09
C LYS C 122 10.21 -4.17 23.25
N PHE C 123 10.87 -3.04 23.30
CA PHE C 123 10.28 -1.83 22.71
C PHE C 123 11.32 -1.13 21.83
N THR C 124 10.98 -0.80 20.58
CA THR C 124 11.97 -0.07 19.74
C THR C 124 11.21 1.09 19.14
N GLY C 125 11.70 2.33 19.40
CA GLY C 125 11.07 3.58 18.89
C GLY C 125 12.02 4.27 17.92
N VAL C 126 11.51 4.82 16.83
CA VAL C 126 12.37 5.37 15.79
C VAL C 126 11.76 6.68 15.17
N ASN C 127 12.65 7.51 14.59
CA ASN C 127 12.22 8.65 13.76
C ASN C 127 11.46 9.76 14.55
N PHE C 128 11.63 9.83 15.88
CA PHE C 128 11.06 10.96 16.59
C PHE C 128 11.89 12.19 16.36
N PRO C 129 11.23 13.27 15.96
CA PRO C 129 12.00 14.54 15.83
C PRO C 129 12.63 14.96 17.18
N ALA C 130 13.87 15.43 17.14
CA ALA C 130 14.54 15.91 18.38
C ALA C 130 13.84 17.07 19.04
N ASP C 131 13.17 17.89 18.22
CA ASP C 131 12.42 19.01 18.71
C ASP C 131 10.92 18.74 18.98
N GLY C 132 10.50 17.48 18.90
CA GLY C 132 9.08 17.13 19.11
C GLY C 132 8.75 16.92 20.57
N PRO C 133 7.44 16.77 20.91
CA PRO C 133 7.06 16.59 22.30
C PRO C 133 7.52 15.31 22.99
N ILE C 134 7.74 14.21 22.26
CA ILE C 134 8.22 12.99 22.98
C ILE C 134 9.70 13.19 23.36
N MET C 135 10.51 13.64 22.40
CA MET C 135 11.99 13.78 22.74
C MET C 135 12.27 15.02 23.62
N GLN C 136 11.31 15.93 23.71
CA GLN C 136 11.46 17.11 24.55
C GLN C 136 10.75 16.95 25.89
N ASN C 137 10.23 15.75 26.18
CA ASN C 137 9.49 15.58 27.44
C ASN C 137 8.38 16.59 27.68
N GLN C 138 7.64 16.88 26.62
CA GLN C 138 6.59 17.87 26.71
C GLN C 138 5.17 17.34 26.86
N SER C 139 4.94 16.04 26.64
CA SER C 139 3.62 15.51 26.91
C SER C 139 3.54 15.21 28.42
N VAL C 140 2.34 15.17 28.98
CA VAL C 140 2.21 14.92 30.40
C VAL C 140 1.31 13.73 30.75
N ASP C 141 0.51 13.24 29.80
CA ASP C 141 -0.34 12.05 30.04
C ASP C 141 -0.90 11.69 28.67
N TRP C 142 -1.59 10.56 28.60
CA TRP C 142 -2.44 10.22 27.47
C TRP C 142 -3.85 10.65 27.86
N GLU C 143 -4.66 11.03 26.89
CA GLU C 143 -6.08 11.26 27.18
C GLU C 143 -6.74 9.90 27.43
N PRO C 144 -7.85 9.89 28.19
CA PRO C 144 -8.66 8.71 28.28
C PRO C 144 -9.17 8.31 26.89
N SER C 145 -9.40 7.02 26.67
CA SER C 145 -9.68 6.58 25.29
C SER C 145 -10.64 5.44 25.30
N THR C 146 -11.20 5.13 24.13
CA THR C 146 -12.01 3.93 23.96
C THR C 146 -11.46 3.10 22.82
N GLU C 147 -10.96 1.91 23.11
CA GLU C 147 -10.35 1.03 22.09
C GLU C 147 -11.35 0.00 21.53
N LYS C 148 -11.39 -0.19 20.23
CA LYS C 148 -12.31 -1.16 19.65
C LYS C 148 -11.59 -2.49 19.56
N ILE C 149 -12.25 -3.55 20.02
CA ILE C 149 -11.68 -4.90 20.09
C ILE C 149 -12.45 -5.76 19.14
N THR C 150 -11.68 -6.53 18.37
CA THR C 150 -12.26 -7.27 17.28
C THR C 150 -11.62 -8.67 17.31
N ALA C 151 -12.36 -9.69 16.89
CA ALA C 151 -11.86 -11.05 16.99
C ALA C 151 -11.68 -11.67 15.62
N SER C 152 -10.60 -12.44 15.46
CA SER C 152 -10.26 -13.15 14.18
C SER C 152 -10.38 -14.69 14.25
N ASP C 153 -9.33 -15.29 13.71
CA ASP C 153 -8.90 -16.67 13.91
C ASP C 153 -8.23 -16.89 15.30
N GLY C 154 -9.02 -16.81 16.37
CA GLY C 154 -8.59 -17.14 17.74
C GLY C 154 -7.73 -16.06 18.41
N VAL C 155 -7.51 -14.94 17.71
CA VAL C 155 -6.82 -13.80 18.38
C VAL C 155 -7.68 -12.57 18.40
N LEU C 156 -7.26 -11.60 19.20
CA LEU C 156 -7.99 -10.33 19.21
C LEU C 156 -7.14 -9.20 18.60
N LYS C 157 -7.81 -8.21 18.03
CA LYS C 157 -7.12 -7.01 17.53
C LYS C 157 -7.77 -5.83 18.20
N GLY C 158 -6.97 -4.82 18.47
CA GLY C 158 -7.39 -3.61 19.13
C GLY C 158 -6.94 -2.43 18.32
N ASP C 159 -7.85 -1.48 18.11
CA ASP C 159 -7.57 -0.27 17.36
C ASP C 159 -7.98 0.93 18.21
N VAL C 160 -7.09 1.88 18.43
CA VAL C 160 -7.44 3.04 19.25
C VAL C 160 -6.68 4.24 18.77
N THR C 161 -7.39 5.34 18.52
CA THR C 161 -6.70 6.60 18.25
C THR C 161 -6.40 7.33 19.58
N MET C 162 -5.13 7.42 19.94
CA MET C 162 -4.72 7.98 21.20
C MET C 162 -4.23 9.43 21.02
N TYR C 163 -4.32 10.22 22.10
CA TYR C 163 -3.82 11.62 22.07
C TYR C 163 -2.98 11.93 23.31
N LEU C 164 -1.76 12.42 23.11
CA LEU C 164 -0.98 12.87 24.23
C LEU C 164 -1.52 14.21 24.61
N LYS C 165 -1.56 14.47 25.91
CA LYS C 165 -1.86 15.79 26.41
C LYS C 165 -0.52 16.48 26.53
N LEU C 166 -0.41 17.68 25.93
CA LEU C 166 0.84 18.44 25.93
C LEU C 166 0.88 19.50 27.04
N GLU C 167 2.07 19.86 27.50
CA GLU C 167 2.24 20.94 28.51
C GLU C 167 1.39 22.12 28.13
N GLY C 168 1.65 22.61 26.93
CA GLY C 168 0.94 23.77 26.36
C GLY C 168 -0.57 23.74 26.43
N GLY C 169 -1.17 22.56 26.52
CA GLY C 169 -2.63 22.40 26.53
C GLY C 169 -3.28 21.86 25.25
N GLY C 170 -2.51 21.76 24.17
CA GLY C 170 -3.02 21.10 22.91
C GLY C 170 -2.85 19.59 23.00
N ASN C 171 -2.98 18.90 21.86
CA ASN C 171 -2.67 17.46 21.86
C ASN C 171 -1.94 16.96 20.61
N HIS C 172 -1.58 15.67 20.62
CA HIS C 172 -0.71 15.11 19.61
C HIS C 172 -1.16 13.65 19.37
N LYS C 173 -1.59 13.35 18.16
CA LYS C 173 -2.27 12.08 17.85
C LYS C 173 -1.28 10.91 17.66
N CYS C 174 -1.67 9.75 18.13
CA CYS C 174 -0.92 8.53 17.93
C CYS C 174 -1.88 7.40 17.65
N GLN C 175 -1.71 6.74 16.55
CA GLN C 175 -2.59 5.58 16.23
C GLN C 175 -1.98 4.28 16.83
N PHE C 176 -2.75 3.52 17.62
CA PHE C 176 -2.29 2.21 18.15
C PHE C 176 -2.96 1.10 17.38
N LYS C 177 -2.20 0.08 16.99
CA LYS C 177 -2.82 -1.13 16.41
C LYS C 177 -2.22 -2.32 17.17
N THR C 178 -3.05 -3.12 17.85
CA THR C 178 -2.54 -4.13 18.76
C THR C 178 -3.10 -5.48 18.37
N THR C 179 -2.29 -6.53 18.53
CA THR C 179 -2.77 -7.93 18.36
C THR C 179 -2.54 -8.61 19.70
N TYR C 180 -3.58 -9.28 20.24
CA TYR C 180 -3.55 -9.93 21.58
C TYR C 180 -3.65 -11.43 21.36
N LYS C 181 -2.67 -12.19 21.84
CA LYS C 181 -2.55 -13.61 21.49
C LYS C 181 -2.44 -14.49 22.75
N ALA C 182 -3.47 -15.25 23.02
CA ALA C 182 -3.38 -16.25 24.09
C ALA C 182 -2.37 -17.32 23.75
N ALA C 183 -1.68 -17.85 24.78
CA ALA C 183 -0.74 -18.99 24.54
C ALA C 183 -1.45 -20.22 23.98
N LYS C 184 -2.68 -20.46 24.47
CA LYS C 184 -3.45 -21.65 24.11
C LYS C 184 -4.76 -21.23 23.46
N LYS C 185 -5.33 -22.08 22.61
CA LYS C 185 -6.64 -21.81 22.08
C LYS C 185 -7.69 -21.47 23.17
N ILE C 186 -8.35 -20.31 23.01
CA ILE C 186 -9.44 -19.89 23.92
C ILE C 186 -10.79 -20.55 23.64
N LEU C 187 -11.35 -21.15 24.70
CA LEU C 187 -12.60 -21.95 24.59
C LEU C 187 -13.85 -21.09 24.23
N LYS C 188 -13.98 -19.90 24.85
CA LYS C 188 -15.05 -18.94 24.52
C LYS C 188 -14.58 -17.55 24.00
N MET C 189 -14.65 -17.33 22.67
CA MET C 189 -14.22 -16.05 22.06
C MET C 189 -15.31 -14.98 22.18
N PRO C 190 -14.89 -13.71 22.44
CA PRO C 190 -15.91 -12.68 22.39
C PRO C 190 -16.18 -12.21 20.97
N GLY C 191 -17.30 -11.49 20.79
CA GLY C 191 -17.58 -10.76 19.56
C GLY C 191 -16.88 -9.41 19.69
N SER C 192 -17.11 -8.52 18.72
CA SER C 192 -16.61 -7.13 18.77
C SER C 192 -17.14 -6.38 19.99
N HIS C 193 -16.24 -5.69 20.70
CA HIS C 193 -16.63 -4.85 21.79
C HIS C 193 -15.61 -3.72 21.95
N TYR C 194 -15.69 -3.07 23.10
CA TYR C 194 -14.84 -1.93 23.36
C TYR C 194 -14.25 -2.04 24.75
N ILE C 195 -13.13 -1.36 24.94
CA ILE C 195 -12.59 -1.18 26.27
C ILE C 195 -12.31 0.30 26.49
N SER C 196 -12.84 0.83 27.59
CA SER C 196 -12.59 2.22 27.96
C SER C 196 -11.44 2.25 28.91
N HIS C 197 -10.43 3.11 28.66
CA HIS C 197 -9.25 3.21 29.47
C HIS C 197 -9.04 4.59 30.06
N ARG C 198 -8.43 4.60 31.24
CA ARG C 198 -8.01 5.84 31.80
C ARG C 198 -6.63 5.60 32.42
N LEU C 199 -5.57 5.90 31.66
CA LEU C 199 -4.21 5.69 32.12
C LEU C 199 -3.65 7.03 32.62
N VAL C 200 -3.16 7.06 33.88
CA VAL C 200 -2.63 8.31 34.42
C VAL C 200 -1.22 8.14 35.06
N ARG C 201 -0.29 9.08 34.86
CA ARG C 201 1.04 8.89 35.44
C ARG C 201 1.43 10.01 36.34
N LYS C 202 2.28 9.72 37.31
CA LYS C 202 2.93 10.79 38.09
C LYS C 202 4.41 10.47 38.07
N THR C 203 5.21 11.40 37.54
CA THR C 203 6.59 11.10 37.26
C THR C 203 7.49 12.05 38.01
N GLU C 204 8.52 11.50 38.61
CA GLU C 204 9.62 12.31 39.13
C GLU C 204 10.88 11.75 38.49
N GLY C 205 11.29 12.37 37.39
CA GLY C 205 12.56 11.97 36.74
C GLY C 205 12.44 10.56 36.25
N ASN C 206 13.32 9.67 36.69
CA ASN C 206 13.33 8.32 36.08
C ASN C 206 12.34 7.37 36.75
N ILE C 207 11.56 7.88 37.72
CA ILE C 207 10.61 6.99 38.46
C ILE C 207 9.19 7.47 38.20
N THR C 208 8.31 6.57 37.73
CA THR C 208 6.94 6.93 37.44
C THR C 208 5.96 6.04 38.19
N GLU C 209 4.92 6.64 38.75
CA GLU C 209 3.84 5.86 39.35
C GLU C 209 2.72 5.91 38.29
N LEU C 210 2.18 4.75 37.91
CA LEU C 210 1.09 4.66 36.96
C LEU C 210 -0.18 4.06 37.56
N VAL C 211 -1.34 4.55 37.08
CA VAL C 211 -2.64 3.95 37.45
C VAL C 211 -3.39 3.77 36.14
N GLU C 212 -4.02 2.62 35.96
CA GLU C 212 -4.89 2.41 34.78
C GLU C 212 -6.21 1.86 35.33
N ASP C 213 -7.31 2.37 34.80
CA ASP C 213 -8.63 1.79 34.99
C ASP C 213 -9.23 1.46 33.65
N ALA C 214 -9.75 0.25 33.52
CA ALA C 214 -10.16 -0.20 32.21
C ALA C 214 -11.39 -1.08 32.38
N VAL C 215 -12.39 -0.79 31.55
CA VAL C 215 -13.67 -1.47 31.64
C VAL C 215 -14.18 -1.79 30.25
N ALA C 216 -14.58 -3.06 30.03
CA ALA C 216 -15.11 -3.44 28.69
C ALA C 216 -16.58 -3.14 28.61
N HIS C 217 -17.06 -2.81 27.42
CA HIS C 217 -18.53 -2.72 27.20
C HIS C 217 -18.83 -3.10 25.76
N SER C 218 -20.10 -3.40 25.48
CA SER C 218 -20.50 -3.67 24.09
C SER C 218 -20.82 -2.36 23.41
N SER D 6 43.10 9.24 6.48
CA SER D 6 41.95 8.79 5.59
C SER D 6 41.38 7.37 5.90
N VAL D 7 40.35 7.31 6.76
CA VAL D 7 40.14 6.14 7.65
C VAL D 7 39.33 5.03 7.01
N ILE D 8 38.63 5.37 5.95
CA ILE D 8 37.84 4.35 5.25
C ILE D 8 38.67 3.93 4.02
N LYS D 9 39.14 2.69 4.03
CA LYS D 9 39.98 2.13 2.92
C LYS D 9 39.13 1.53 1.83
N PRO D 10 39.75 1.27 0.64
CA PRO D 10 38.99 0.69 -0.43
C PRO D 10 38.53 -0.78 -0.11
N GLU D 11 39.15 -1.44 0.88
CA GLU D 11 38.82 -2.79 1.37
C GLU D 11 38.60 -2.72 2.85
N MET D 12 37.41 -3.15 3.33
CA MET D 12 37.07 -3.07 4.75
C MET D 12 36.29 -4.32 5.13
N LYS D 13 36.20 -4.57 6.43
CA LYS D 13 35.49 -5.68 6.97
C LYS D 13 34.33 -5.26 7.84
N MET D 14 33.43 -6.22 8.09
CA MET D 14 32.22 -5.99 8.89
C MET D 14 31.99 -7.09 9.87
N ARG D 15 31.60 -6.70 11.09
CA ARG D 15 30.99 -7.64 12.03
C ARG D 15 29.58 -7.15 12.43
N TYR D 16 28.66 -8.09 12.56
CA TYR D 16 27.24 -7.78 12.86
C TYR D 16 26.70 -8.50 14.07
N TYR D 17 25.86 -7.78 14.82
CA TYR D 17 25.13 -8.45 15.88
C TYR D 17 23.75 -7.77 16.01
N MET D 18 22.71 -8.59 15.99
CA MET D 18 21.32 -8.09 16.18
C MET D 18 20.59 -8.81 17.27
N ASP D 19 19.86 -8.05 18.06
CA ASP D 19 18.85 -8.59 19.00
C ASP D 19 17.51 -8.23 18.42
N GLY D 20 16.71 -9.25 18.18
CA GLY D 20 15.44 -9.08 17.54
C GLY D 20 14.26 -9.84 18.16
N SER D 21 13.07 -9.40 17.76
CA SER D 21 11.81 -10.11 18.07
C SER D 21 10.89 -9.86 16.88
N VAL D 22 10.24 -10.88 16.37
CA VAL D 22 9.20 -10.67 15.34
C VAL D 22 8.01 -11.48 15.78
N ASN D 23 6.86 -10.82 15.93
CA ASN D 23 5.61 -11.44 16.40
C ASN D 23 5.90 -12.24 17.65
N GLY D 24 6.61 -11.59 18.56
CA GLY D 24 6.99 -12.24 19.82
C GLY D 24 8.04 -13.38 19.83
N HIS D 25 8.56 -13.76 18.66
CA HIS D 25 9.61 -14.76 18.57
C HIS D 25 10.96 -14.10 18.68
N GLU D 26 11.67 -14.35 19.77
CA GLU D 26 12.96 -13.69 19.97
C GLU D 26 14.10 -14.42 19.29
N PHE D 27 15.12 -13.66 18.87
CA PHE D 27 16.25 -14.26 18.15
C PHE D 27 17.43 -13.30 18.14
N THR D 28 18.59 -13.82 17.80
CA THR D 28 19.73 -12.98 17.54
C THR D 28 20.29 -13.35 16.19
N ILE D 29 20.96 -12.37 15.57
CA ILE D 29 21.77 -12.65 14.37
C ILE D 29 23.22 -12.17 14.60
N GLU D 30 24.19 -13.00 14.18
CA GLU D 30 25.55 -12.57 14.12
C GLU D 30 26.19 -13.00 12.80
N GLY D 31 27.15 -12.22 12.31
CA GLY D 31 27.89 -12.65 11.13
C GLY D 31 29.02 -11.67 10.82
N GLU D 32 29.53 -11.81 9.62
CA GLU D 32 30.72 -11.10 9.22
C GLU D 32 30.70 -10.93 7.72
N GLY D 33 31.42 -9.90 7.23
CA GLY D 33 31.48 -9.64 5.80
C GLY D 33 32.70 -8.88 5.42
N THR D 34 32.81 -8.55 4.13
CA THR D 34 33.84 -7.63 3.67
C THR D 34 33.19 -6.77 2.59
N GLY D 35 33.83 -5.69 2.22
CA GLY D 35 33.25 -4.88 1.19
C GLY D 35 34.24 -3.87 0.64
N ARG D 36 33.75 -3.10 -0.35
CA ARG D 36 34.53 -2.13 -1.06
C ARG D 36 33.69 -0.84 -0.97
N PRO D 37 33.99 -0.04 0.06
CA PRO D 37 33.10 1.15 0.32
C PRO D 37 32.92 2.07 -0.86
N TYR D 38 34.00 2.31 -1.65
CA TYR D 38 33.94 3.27 -2.76
C TYR D 38 33.28 2.70 -4.02
N GLU D 39 33.16 1.37 -4.03
CA GLU D 39 32.40 0.68 -5.06
C GLU D 39 30.94 0.48 -4.67
N GLY D 40 30.60 0.79 -3.43
CA GLY D 40 29.22 0.56 -2.97
C GLY D 40 28.88 -0.92 -2.86
N HIS D 41 29.85 -1.76 -2.51
CA HIS D 41 29.64 -3.22 -2.57
C HIS D 41 29.91 -3.86 -1.20
N GLN D 42 28.97 -4.67 -0.73
CA GLN D 42 29.23 -5.44 0.44
C GLN D 42 28.79 -6.91 0.25
N GLU D 43 29.47 -7.78 0.98
CA GLU D 43 29.08 -9.20 0.99
C GLU D 43 29.30 -9.82 2.35
N MET D 44 28.41 -10.75 2.74
CA MET D 44 28.42 -11.19 4.13
C MET D 44 27.71 -12.47 4.33
N THR D 45 27.95 -13.07 5.51
CA THR D 45 27.26 -14.28 5.94
C THR D 45 26.72 -14.01 7.28
N LEU D 46 25.44 -14.34 7.44
CA LEU D 46 24.76 -14.08 8.68
C LEU D 46 24.08 -15.36 9.21
N ARG D 47 24.12 -15.50 10.52
CA ARG D 47 23.57 -16.70 11.17
C ARG D 47 22.51 -16.33 12.21
N VAL D 48 21.32 -16.91 12.04
CA VAL D 48 20.18 -16.73 12.90
C VAL D 48 20.08 -17.83 13.95
N THR D 49 19.94 -17.42 15.20
CA THR D 49 19.65 -18.31 16.29
C THR D 49 18.33 -17.86 16.97
N MET D 50 17.32 -18.74 16.92
CA MET D 50 16.05 -18.48 17.59
C MET D 50 16.25 -18.78 19.08
N ALA D 51 15.66 -17.97 19.96
CA ALA D 51 15.81 -18.19 21.42
C ALA D 51 15.26 -19.58 21.82
N LYS D 52 14.26 -20.05 21.08
CA LYS D 52 13.65 -21.39 21.32
C LYS D 52 14.21 -22.50 20.40
N GLY D 53 15.19 -22.15 19.57
CA GLY D 53 15.86 -23.05 18.62
C GLY D 53 15.03 -23.30 17.35
N GLY D 54 15.63 -24.01 16.39
CA GLY D 54 14.89 -24.44 15.20
C GLY D 54 14.96 -23.32 14.16
N PRO D 55 14.29 -23.52 13.03
CA PRO D 55 14.34 -22.64 11.92
C PRO D 55 13.64 -21.30 12.21
N MET D 56 14.19 -20.28 11.59
CA MET D 56 13.55 -18.97 11.79
C MET D 56 12.15 -19.07 11.17
N PRO D 57 11.14 -18.52 11.88
CA PRO D 57 9.74 -18.67 11.51
C PRO D 57 9.20 -17.51 10.64
N PHE D 58 10.13 -16.78 10.01
CA PHE D 58 9.77 -15.64 9.17
C PHE D 58 10.81 -15.50 8.06
N ALA D 59 10.40 -14.80 6.99
CA ALA D 59 11.33 -14.69 5.85
C ALA D 59 12.52 -13.81 6.18
N PHE D 60 13.73 -14.18 5.76
CA PHE D 60 14.88 -13.36 6.09
C PHE D 60 14.78 -11.96 5.47
N ASP D 61 14.01 -11.78 4.39
CA ASP D 61 13.86 -10.39 3.87
C ASP D 61 13.38 -9.38 4.90
N LEU D 62 12.64 -9.84 5.93
CA LEU D 62 12.21 -8.92 6.98
C LEU D 62 13.38 -8.17 7.62
N VAL D 63 14.54 -8.82 7.75
CA VAL D 63 15.70 -8.19 8.40
C VAL D 63 16.92 -7.95 7.47
N SER D 64 16.87 -8.30 6.20
CA SER D 64 18.06 -8.25 5.36
C SER D 64 18.54 -6.83 5.08
N HIS D 65 17.61 -5.88 4.99
CA HIS D 65 17.99 -4.47 4.78
C HIS D 65 18.67 -3.84 6.00
N VAL D 66 18.80 -4.60 7.08
CA VAL D 66 19.48 -4.05 8.26
C VAL D 66 20.96 -4.21 8.14
N0 CFY D 67 21.53 -5.02 7.24
CA0 CFY D 67 23.00 -5.33 7.16
C0 CFY D 67 23.62 -4.84 5.85
O0 CFY D 67 24.95 -4.75 6.02
CB0 CFY D 67 23.15 -6.85 7.30
CG1 CFY D 67 22.41 -7.41 8.48
CD1 CFY D 67 21.28 -8.23 8.32
CE1 CFY D 67 20.62 -8.75 9.43
CZ1 CFY D 67 21.12 -8.49 10.75
CE2 CFY D 67 22.24 -7.72 10.89
CD2 CFY D 67 22.89 -7.17 9.77
N1 CFY D 67 23.11 -3.47 5.63
CA1 CFY D 67 22.25 -3.32 4.62
C1 CFY D 67 21.50 -2.16 4.46
CB1 CFY D 67 22.01 -4.50 3.65
SG CFY D 67 23.17 -5.70 4.26
N2 CFY D 67 20.65 -2.04 3.38
CA2 CFY D 67 20.02 -0.82 3.56
C2 CFY D 67 20.51 -0.24 4.74
O2 CFY D 67 20.24 0.87 5.24
CB2 CFY D 67 19.02 -0.19 2.77
CG2 CFY D 67 18.44 -0.76 1.59
CD3 CFY D 67 18.72 -2.04 1.05
CD4 CFY D 67 17.53 0.08 0.93
CE3 CFY D 67 18.05 -2.39 -0.19
CE4 CFY D 67 16.87 -0.26 -0.30
CZ2 CFY D 67 17.13 -1.52 -0.85
OH CFY D 67 16.59 -1.82 -1.93
N3 CFY D 67 21.46 -1.05 5.27
CA3 CFY D 67 22.02 -0.85 6.53
C3 CFY D 67 23.35 -0.54 6.91
O3 CFY D 67 23.71 -0.42 8.08
N HIS D 68 24.10 -0.33 5.80
CA HIS D 68 25.51 -0.04 5.98
C HIS D 68 25.89 0.98 4.90
N ARG D 69 25.40 2.21 5.11
CA ARG D 69 25.56 3.23 4.09
C ARG D 69 26.98 3.76 3.70
N PRO D 70 28.01 3.55 4.52
CA PRO D 70 29.41 3.78 4.06
C PRO D 70 29.76 2.99 2.82
N PHE D 71 29.03 1.91 2.59
CA PHE D 71 29.15 1.09 1.36
C PHE D 71 28.15 1.56 0.34
N THR D 72 28.41 2.78 -0.17
CA THR D 72 27.63 3.35 -1.25
C THR D 72 28.63 4.05 -2.17
N LYS D 73 28.49 3.86 -3.48
CA LYS D 73 29.38 4.60 -4.40
C LYS D 73 28.82 6.02 -4.51
N TYR D 74 29.64 6.98 -4.15
CA TYR D 74 29.24 8.41 -4.20
C TYR D 74 30.04 9.12 -5.26
N PRO D 75 29.36 9.75 -6.23
CA PRO D 75 30.13 10.58 -7.16
C PRO D 75 30.83 11.77 -6.48
N GLU D 76 31.92 12.28 -7.08
CA GLU D 76 32.60 13.43 -6.43
C GLU D 76 31.65 14.62 -6.17
N GLU D 77 30.64 14.82 -7.04
CA GLU D 77 29.72 15.97 -7.04
C GLU D 77 28.80 15.95 -5.82
N ILE D 78 28.69 14.83 -5.12
CA ILE D 78 27.67 14.72 -4.06
C ILE D 78 28.44 14.36 -2.77
N PRO D 79 28.38 15.21 -1.73
CA PRO D 79 29.12 14.92 -0.47
C PRO D 79 28.60 13.58 0.10
N ASP D 80 29.51 12.81 0.67
CA ASP D 80 29.22 11.48 1.18
C ASP D 80 29.15 11.64 2.67
N TYR D 81 27.92 11.82 3.16
CA TYR D 81 27.67 11.95 4.57
C TYR D 81 28.18 10.75 5.33
N PHE D 82 27.97 9.56 4.76
CA PHE D 82 28.16 8.32 5.51
C PHE D 82 29.63 8.05 5.69
N LYS D 83 30.45 8.41 4.69
CA LYS D 83 31.90 8.18 4.92
C LYS D 83 32.44 9.31 5.83
N GLN D 84 31.90 10.51 5.71
CA GLN D 84 32.38 11.60 6.52
C GLN D 84 32.11 11.30 7.98
N ALA D 85 31.17 10.38 8.25
CA ALA D 85 30.69 10.15 9.65
C ALA D 85 31.74 9.38 10.43
N PHE D 86 32.78 8.90 9.72
CA PHE D 86 33.87 8.15 10.38
C PHE D 86 35.12 9.01 10.44
N PRO D 87 35.90 8.84 11.50
CA PRO D 87 35.93 7.72 12.44
C PRO D 87 34.87 7.73 13.57
N GLU D 88 34.14 8.84 13.79
CA GLU D 88 33.34 8.98 15.01
C GLU D 88 32.15 8.07 15.17
N GLY D 89 31.44 7.76 14.08
CA GLY D 89 30.37 6.80 14.21
C GLY D 89 29.14 7.22 13.39
N LEU D 90 28.28 6.23 13.11
CA LEU D 90 27.03 6.50 12.39
C LEU D 90 25.94 5.59 12.99
N SER D 91 24.75 6.17 13.22
CA SER D 91 23.60 5.42 13.68
C SER D 91 22.46 5.64 12.69
N TRP D 92 21.43 4.79 12.73
CA TRP D 92 20.27 5.02 11.84
C TRP D 92 19.06 4.36 12.47
N GLU D 93 17.87 4.82 12.06
CA GLU D 93 16.60 4.38 12.62
C GLU D 93 15.68 4.15 11.48
N ARG D 94 14.85 3.14 11.54
CA ARG D 94 14.00 2.84 10.36
C ARG D 94 12.66 2.28 10.79
N SER D 95 11.63 2.75 10.08
CA SER D 95 10.30 2.17 10.22
C SER D 95 9.95 1.43 8.94
N LEU D 96 9.22 0.32 9.08
CA LEU D 96 8.77 -0.49 7.91
C LEU D 96 7.29 -0.62 8.05
N GLU D 97 6.55 -0.44 6.93
CA GLU D 97 5.09 -0.65 6.96
C GLU D 97 4.72 -1.48 5.78
N PHE D 98 4.28 -2.70 6.04
CA PHE D 98 3.97 -3.69 4.99
C PHE D 98 2.52 -3.58 4.60
N GLU D 99 2.20 -3.98 3.36
CA GLU D 99 0.89 -3.70 2.85
C GLU D 99 -0.21 -4.41 3.62
N ASP D 100 0.16 -5.51 4.29
CA ASP D 100 -0.82 -6.36 5.00
C ASP D 100 -0.96 -6.00 6.48
N GLY D 101 -0.42 -4.83 6.87
CA GLY D 101 -0.50 -4.42 8.27
C GLY D 101 0.66 -4.82 9.15
N GLY D 102 1.57 -5.70 8.71
CA GLY D 102 2.79 -6.00 9.55
C GLY D 102 3.66 -4.76 9.54
N SER D 103 4.45 -4.56 10.59
CA SER D 103 5.31 -3.39 10.62
C SER D 103 6.47 -3.71 11.52
N ALA D 104 7.49 -2.84 11.47
CA ALA D 104 8.63 -3.09 12.34
C ALA D 104 9.39 -1.84 12.55
N SER D 105 10.20 -1.82 13.62
CA SER D 105 11.05 -0.69 13.98
C SER D 105 12.44 -1.23 14.22
N VAL D 106 13.45 -0.59 13.68
CA VAL D 106 14.79 -1.08 13.91
C VAL D 106 15.74 0.09 14.08
N SER D 107 16.70 -0.08 15.01
CA SER D 107 17.77 0.93 15.02
C SER D 107 19.14 0.27 15.12
N ALA D 108 20.18 0.97 14.64
CA ALA D 108 21.51 0.38 14.57
C ALA D 108 22.56 1.42 14.94
N HIS D 109 23.70 0.92 15.48
CA HIS D 109 24.85 1.81 15.73
C HIS D 109 26.05 1.16 15.07
N ILE D 110 26.81 1.95 14.30
CA ILE D 110 27.94 1.49 13.55
C ILE D 110 29.21 2.20 14.04
N SER D 111 30.20 1.42 14.52
CA SER D 111 31.48 1.99 14.97
C SER D 111 32.55 1.40 14.10
N LEU D 112 33.76 1.95 14.20
CA LEU D 112 34.86 1.48 13.35
C LEU D 112 36.07 1.34 14.23
N ARG D 113 36.69 0.18 14.21
CA ARG D 113 38.05 0.00 14.82
C ARG D 113 38.95 -0.70 13.78
N GLY D 114 40.08 -0.10 13.41
CA GLY D 114 40.93 -0.70 12.40
C GLY D 114 40.25 -0.59 11.05
N ASN D 115 40.23 -1.68 10.31
CA ASN D 115 39.46 -1.69 9.07
C ASN D 115 38.18 -2.48 9.23
N THR D 116 37.70 -2.60 10.47
CA THR D 116 36.46 -3.37 10.70
C THR D 116 35.33 -2.52 11.31
N PHE D 117 34.19 -2.42 10.62
CA PHE D 117 33.02 -1.77 11.19
C PHE D 117 32.29 -2.78 12.08
N TYR D 118 31.85 -2.31 13.25
CA TYR D 118 31.01 -3.08 14.17
C TYR D 118 29.60 -2.50 14.12
N HIS D 119 28.63 -3.34 13.81
CA HIS D 119 27.26 -2.90 13.50
C HIS D 119 26.39 -3.66 14.48
N LYS D 120 25.63 -2.93 15.30
CA LYS D 120 24.82 -3.53 16.34
C LYS D 120 23.42 -3.01 16.20
N SER D 121 22.45 -3.90 16.23
CA SER D 121 21.07 -3.48 15.94
C SER D 121 20.07 -4.09 16.87
N LYS D 122 18.94 -3.41 16.99
CA LYS D 122 17.78 -3.82 17.76
C LYS D 122 16.59 -3.80 16.81
N PHE D 123 15.80 -4.88 16.78
CA PHE D 123 14.75 -5.00 15.77
C PHE D 123 13.51 -5.54 16.43
N THR D 124 12.36 -4.85 16.27
CA THR D 124 11.08 -5.37 16.82
C THR D 124 10.02 -5.31 15.71
N GLY D 125 9.45 -6.47 15.37
CA GLY D 125 8.43 -6.56 14.33
C GLY D 125 7.12 -7.07 14.92
N VAL D 126 6.02 -6.53 14.43
CA VAL D 126 4.74 -6.78 15.06
C VAL D 126 3.60 -6.90 14.04
N ASN D 127 2.50 -7.55 14.49
CA ASN D 127 1.28 -7.55 13.71
C ASN D 127 1.33 -8.17 12.31
N PHE D 128 2.27 -9.11 12.12
CA PHE D 128 2.37 -9.84 10.86
C PHE D 128 1.30 -10.91 10.88
N PRO D 129 0.49 -10.90 9.83
CA PRO D 129 -0.55 -11.95 9.77
C PRO D 129 0.10 -13.37 9.75
N ALA D 130 -0.54 -14.28 10.47
CA ALA D 130 0.00 -15.66 10.60
C ALA D 130 0.19 -16.34 9.25
N ASP D 131 -0.72 -16.07 8.31
CA ASP D 131 -0.70 -16.67 6.97
C ASP D 131 -0.10 -15.77 5.87
N GLY D 132 0.44 -14.62 6.26
CA GLY D 132 1.07 -13.75 5.28
C GLY D 132 2.42 -14.25 4.86
N PRO D 133 2.99 -13.62 3.80
CA PRO D 133 4.26 -14.04 3.18
C PRO D 133 5.47 -13.93 4.05
N ILE D 134 5.50 -13.00 5.02
CA ILE D 134 6.59 -12.94 5.98
C ILE D 134 6.56 -14.13 6.94
N MET D 135 5.46 -14.34 7.65
CA MET D 135 5.47 -15.44 8.64
C MET D 135 5.44 -16.86 8.01
N GLN D 136 5.00 -16.91 6.74
CA GLN D 136 5.04 -18.19 5.98
C GLN D 136 6.30 -18.39 5.16
N ASN D 137 7.24 -17.45 5.22
CA ASN D 137 8.53 -17.52 4.53
C ASN D 137 8.36 -17.71 3.04
N GLN D 138 7.46 -16.92 2.46
CA GLN D 138 7.16 -17.04 1.03
C GLN D 138 7.83 -15.97 0.19
N SER D 139 8.46 -15.00 0.83
CA SER D 139 9.16 -14.00 0.02
C SER D 139 10.60 -14.56 -0.28
N VAL D 140 11.23 -14.09 -1.34
CA VAL D 140 12.55 -14.64 -1.67
C VAL D 140 13.63 -13.57 -1.86
N ASP D 141 13.23 -12.33 -2.02
CA ASP D 141 14.19 -11.25 -2.21
C ASP D 141 13.40 -9.93 -2.12
N TRP D 142 14.13 -8.81 -2.02
CA TRP D 142 13.62 -7.49 -2.28
C TRP D 142 13.93 -7.16 -3.74
N GLU D 143 13.02 -6.46 -4.39
CA GLU D 143 13.33 -5.88 -5.72
C GLU D 143 14.40 -4.79 -5.55
N PRO D 144 15.21 -4.56 -6.60
CA PRO D 144 16.09 -3.39 -6.51
C PRO D 144 15.22 -2.16 -6.37
N SER D 145 15.80 -1.09 -5.88
CA SER D 145 15.04 0.12 -5.49
C SER D 145 15.86 1.39 -5.65
N THR D 146 15.15 2.54 -5.63
CA THR D 146 15.78 3.82 -5.65
C THR D 146 15.16 4.61 -4.48
N GLU D 147 16.02 4.94 -3.52
CA GLU D 147 15.63 5.64 -2.28
C GLU D 147 15.86 7.14 -2.39
N LYS D 148 14.92 7.96 -1.91
CA LYS D 148 15.12 9.40 -1.99
C LYS D 148 15.79 9.87 -0.70
N ILE D 149 16.87 10.64 -0.82
CA ILE D 149 17.61 11.06 0.38
C ILE D 149 17.43 12.57 0.47
N THR D 150 17.14 13.09 1.66
CA THR D 150 16.99 14.54 1.88
C THR D 150 17.79 14.91 3.10
N ALA D 151 18.19 16.19 3.19
CA ALA D 151 19.09 16.64 4.25
C ALA D 151 18.36 17.58 5.16
N SER D 152 18.51 17.39 6.46
CA SER D 152 17.76 18.25 7.36
C SER D 152 18.67 18.71 8.50
N ASP D 153 18.23 18.70 9.75
CA ASP D 153 18.98 19.45 10.77
C ASP D 153 20.15 18.58 11.22
N GLY D 154 21.22 18.55 10.42
CA GLY D 154 22.41 17.72 10.72
C GLY D 154 22.27 16.23 10.35
N VAL D 155 21.04 15.79 10.09
CA VAL D 155 20.79 14.37 9.77
C VAL D 155 20.33 14.26 8.32
N LEU D 156 20.31 13.02 7.82
CA LEU D 156 19.72 12.72 6.52
C LEU D 156 18.46 11.89 6.75
N LYS D 157 17.53 11.98 5.81
CA LYS D 157 16.42 11.08 5.87
C LYS D 157 16.30 10.36 4.55
N GLY D 158 15.84 9.11 4.59
CA GLY D 158 15.57 8.40 3.32
C GLY D 158 14.18 7.79 3.24
N ASP D 159 13.61 7.78 2.02
CA ASP D 159 12.25 7.25 1.83
C ASP D 159 12.27 6.38 0.60
N VAL D 160 11.89 5.13 0.76
CA VAL D 160 11.85 4.18 -0.36
C VAL D 160 10.64 3.24 -0.25
N THR D 161 9.95 3.07 -1.38
CA THR D 161 8.85 2.11 -1.45
C THR D 161 9.47 0.79 -1.93
N MET D 162 9.45 -0.26 -1.10
CA MET D 162 10.15 -1.50 -1.42
C MET D 162 9.14 -2.55 -1.81
N TYR D 163 9.56 -3.55 -2.55
CA TYR D 163 8.65 -4.63 -2.93
C TYR D 163 9.33 -5.94 -2.65
N LEU D 164 8.69 -6.79 -1.87
CA LEU D 164 9.17 -8.15 -1.76
C LEU D 164 8.83 -8.91 -3.04
N LYS D 165 9.77 -9.73 -3.54
CA LYS D 165 9.47 -10.75 -4.59
C LYS D 165 8.96 -12.01 -3.93
N LEU D 166 7.76 -12.45 -4.31
CA LEU D 166 7.17 -13.63 -3.70
C LEU D 166 7.50 -14.92 -4.48
N GLU D 167 7.59 -16.06 -3.78
CA GLU D 167 7.98 -17.35 -4.41
C GLU D 167 7.03 -17.66 -5.54
N GLY D 168 5.74 -17.31 -5.40
CA GLY D 168 4.82 -17.55 -6.53
C GLY D 168 4.93 -16.63 -7.76
N GLY D 169 5.78 -15.59 -7.73
CA GLY D 169 5.84 -14.57 -8.79
C GLY D 169 5.28 -13.18 -8.43
N GLY D 170 4.46 -13.12 -7.39
CA GLY D 170 3.85 -11.82 -7.00
C GLY D 170 4.80 -10.80 -6.34
N ASN D 171 4.22 -9.73 -5.83
CA ASN D 171 5.00 -8.70 -5.08
C ASN D 171 4.22 -8.27 -3.87
N HIS D 172 4.90 -7.67 -2.88
CA HIS D 172 4.24 -7.27 -1.63
C HIS D 172 4.93 -6.02 -1.17
N LYS D 173 4.21 -4.90 -1.11
CA LYS D 173 4.78 -3.56 -0.85
C LYS D 173 5.19 -3.35 0.61
N CYS D 174 6.28 -2.59 0.83
CA CYS D 174 6.69 -2.21 2.20
C CYS D 174 7.25 -0.81 2.10
N GLN D 175 6.79 0.14 2.92
CA GLN D 175 7.38 1.46 2.86
C GLN D 175 8.47 1.57 3.90
N PHE D 176 9.63 2.07 3.53
CA PHE D 176 10.71 2.31 4.56
C PHE D 176 10.86 3.82 4.80
N LYS D 177 10.99 4.21 6.05
CA LYS D 177 11.34 5.60 6.34
C LYS D 177 12.49 5.56 7.31
N THR D 178 13.61 6.18 6.94
CA THR D 178 14.87 6.07 7.75
C THR D 178 15.43 7.46 8.08
N THR D 179 16.10 7.58 9.24
CA THR D 179 16.78 8.77 9.59
C THR D 179 18.22 8.27 9.82
N TYR D 180 19.20 8.98 9.25
CA TYR D 180 20.59 8.64 9.34
C TYR D 180 21.29 9.72 10.15
N LYS D 181 22.04 9.29 11.17
CA LYS D 181 22.56 10.22 12.16
C LYS D 181 24.03 9.96 12.42
N ALA D 182 24.83 10.81 11.81
CA ALA D 182 26.26 10.76 12.14
C ALA D 182 26.49 11.12 13.60
N ALA D 183 27.52 10.54 14.21
CA ALA D 183 27.83 10.91 15.58
C ALA D 183 28.16 12.40 15.67
N LYS D 184 28.95 12.93 14.74
CA LYS D 184 29.15 14.41 14.70
C LYS D 184 28.05 15.19 13.95
N LYS D 185 27.54 16.30 14.53
CA LYS D 185 26.35 16.99 13.99
C LYS D 185 26.61 18.04 12.89
N ILE D 186 27.89 18.45 12.73
CA ILE D 186 28.30 19.45 11.74
C ILE D 186 29.29 18.88 10.69
N LEU D 187 28.79 18.55 9.48
CA LEU D 187 29.54 17.82 8.47
C LEU D 187 29.19 18.54 7.22
N LYS D 188 29.94 18.33 6.14
CA LYS D 188 29.66 18.93 4.85
C LYS D 188 28.48 18.17 4.22
N MET D 189 27.31 18.80 4.20
CA MET D 189 26.11 18.01 3.95
C MET D 189 25.81 18.00 2.48
N PRO D 190 25.23 16.87 1.99
CA PRO D 190 24.76 16.83 0.64
C PRO D 190 23.41 17.49 0.59
N GLY D 191 22.91 17.78 -0.59
CA GLY D 191 21.56 18.16 -0.79
C GLY D 191 20.78 16.90 -1.13
N SER D 192 19.56 17.09 -1.64
CA SER D 192 18.69 15.98 -1.91
C SER D 192 19.27 15.12 -3.03
N HIS D 193 19.20 13.77 -2.93
CA HIS D 193 19.71 12.95 -4.01
C HIS D 193 19.06 11.58 -3.91
N TYR D 194 19.54 10.61 -4.66
CA TYR D 194 18.98 9.24 -4.63
C TYR D 194 20.08 8.25 -4.36
N ILE D 195 19.73 7.13 -3.76
CA ILE D 195 20.64 5.98 -3.75
C ILE D 195 19.80 4.81 -4.32
N SER D 196 20.35 4.15 -5.36
CA SER D 196 19.77 2.98 -6.00
C SER D 196 20.48 1.79 -5.42
N HIS D 197 19.72 0.80 -5.04
CA HIS D 197 20.23 -0.39 -4.30
C HIS D 197 19.84 -1.68 -5.05
N ARG D 198 20.66 -2.70 -4.89
CA ARG D 198 20.28 -4.09 -5.23
C ARG D 198 20.82 -4.95 -4.13
N LEU D 199 19.91 -5.39 -3.27
CA LEU D 199 20.22 -6.29 -2.17
C LEU D 199 19.71 -7.67 -2.58
N VAL D 200 20.55 -8.70 -2.46
CA VAL D 200 20.20 -10.07 -2.96
C VAL D 200 20.65 -11.07 -1.90
N ARG D 201 19.80 -12.07 -1.60
CA ARG D 201 20.14 -13.04 -0.59
C ARG D 201 20.16 -14.49 -1.16
N LYS D 202 20.98 -15.30 -0.51
CA LYS D 202 20.98 -16.79 -0.74
C LYS D 202 20.93 -17.39 0.63
N THR D 203 19.86 -18.11 0.94
CA THR D 203 19.65 -18.59 2.29
C THR D 203 19.58 -20.15 2.32
N GLU D 204 20.25 -20.75 3.30
CA GLU D 204 20.16 -22.18 3.58
C GLU D 204 19.86 -22.29 5.07
N GLY D 205 18.56 -22.41 5.34
CA GLY D 205 17.97 -22.48 6.71
C GLY D 205 18.29 -21.21 7.47
N ASN D 206 19.05 -21.37 8.54
CA ASN D 206 19.36 -20.23 9.40
C ASN D 206 20.63 -19.48 9.00
N ILE D 207 21.25 -19.84 7.88
CA ILE D 207 22.46 -19.15 7.45
C ILE D 207 22.14 -18.46 6.13
N THR D 208 22.37 -17.14 6.06
CA THR D 208 22.12 -16.38 4.84
C THR D 208 23.35 -15.61 4.39
N GLU D 209 23.57 -15.62 3.07
CA GLU D 209 24.60 -14.76 2.51
C GLU D 209 23.88 -13.59 1.86
N LEU D 210 24.44 -12.37 1.99
CA LEU D 210 23.80 -11.23 1.37
C LEU D 210 24.83 -10.54 0.55
N VAL D 211 24.39 -9.97 -0.57
CA VAL D 211 25.21 -9.08 -1.35
C VAL D 211 24.42 -7.77 -1.56
N GLU D 212 25.06 -6.61 -1.40
CA GLU D 212 24.35 -5.37 -1.71
C GLU D 212 25.26 -4.48 -2.55
N ASP D 213 24.68 -3.90 -3.62
CA ASP D 213 25.39 -2.95 -4.50
C ASP D 213 24.58 -1.67 -4.48
N ALA D 214 25.21 -0.54 -4.15
CA ALA D 214 24.45 0.71 -4.00
C ALA D 214 25.20 1.84 -4.60
N VAL D 215 24.48 2.76 -5.21
CA VAL D 215 25.13 3.94 -5.85
C VAL D 215 24.27 5.17 -5.65
N ALA D 216 24.93 6.28 -5.32
CA ALA D 216 24.28 7.59 -5.15
C ALA D 216 24.20 8.35 -6.46
N HIS D 217 23.12 9.05 -6.71
CA HIS D 217 23.02 9.80 -7.99
C HIS D 217 21.98 10.86 -7.85
N SER D 218 21.95 11.80 -8.80
CA SER D 218 20.87 12.80 -8.86
C SER D 218 19.62 12.41 -9.68
#